data_4QJ4
#
_entry.id   4QJ4
#
_cell.length_a   201.923
_cell.length_b   89.191
_cell.length_c   92.639
_cell.angle_alpha   90.00
_cell.angle_beta   101.70
_cell.angle_gamma   90.00
#
_symmetry.space_group_name_H-M   'C 1 2 1'
#
loop_
_entity.id
_entity.type
_entity.pdbx_description
1 polymer 'Guanine nucleotide-binding protein G(q) subunit alpha'
2 polymer '1-phosphatidylinositol 4,5-bisphosphate phosphodiesterase beta-3'
3 non-polymer "GUANOSINE-5'-DIPHOSPHATE"
4 non-polymer 'TETRAFLUOROALUMINATE ION'
5 non-polymer 'MAGNESIUM ION'
6 non-polymer 'CALCIUM ION'
7 non-polymer D-MYO-INOSITOL-1,4,5-TRIPHOSPHATE
8 water water
#
loop_
_entity_poly.entity_id
_entity_poly.type
_entity_poly.pdbx_seq_one_letter_code
_entity_poly.pdbx_strand_id
1 'polypeptide(L)'
;MSYYHHHHHHDYDIPTTENLYFQGAAMACCLSEEAKEARRINDEIERQLRRDKRDARRELKLLLLGTGESGKSTFIKQMR
IIHGSGYSDEDKRGFTKLVYQNIFTAMQAMIRAMDTLKIPYKYEHNKAHAQLVREVDVEKVSAFENPYVDAIKSLWNDPG
IQECYDRRREYQLSDSTKYYLNDLDRVADPSYLPTQQDVLRVRVPTTGIIEYPFDLQSVIFRMVDVGGQRSERRKWIHCF
ENVTSIMFLVALSEYDQVLVESDNENRMEESKALFRTIITYPWFQNSSVILFLNKKDLLEEKIMYSHLVDYFPEYDGPQR
DAQAAREFILKMFVDLNPDSDKIIYSHFTCATDTENIRFVFAAVKDTILQLNLKEYNLV
;
A
2 'polypeptide(L)'
;MAHHHHHHGTALQLEPPTVVETLRRGSKFIKWDEETSSRNLVTLRVDPNGFFLYWTGPNMEVDTLDISSIRDTRTGRYAR
LPKDPKIREVLGFGGPDARLEEKLMTVVSGPDPVNTVFLNFMAVQDDTAKVWSEELFKLAMNILAQNASRNTFLRKAYTK
LKLQVNQDGRIPVKNILKMFSADKKRVETALESCGLKFNRSESIRPDEFSLEIFERFLNKLCLRPDIDKILLEIGAKGKP
YLTLEQLMDFINQKQRDPRLNEVLYPPLRPSQARLLIEKYEPNQQFLERDQMSMEGFSRYLGGEENGILPLEALDLSTDM
TQPLSAYFINSSHNTYLTAGQLAGTSSVEMYRQALLWGCRCVELDVWKGRPPEEEPFITHGFTMTTEVPLRDVLEAIAET
AFKTSPYPVILSFENHVDSAKQQAKMAEYCRSIFGDALLIEPLDKYPLAPGVPLPSPQDLMGRILVKNKKRPKKPTTDEG
TASSEVNATEEMSTLVNYIEPVKFKSFEAARKRNKCFEMSSFVETKAMEQLTKSPMEFVEYNKQQLSRIYPKGTRVDSSN
YMPQLFWNVGCQLVALNFQTLDVAMQLNAGVFEYNGRSGYLLKPEFMRRPDKSFDPFTEVIVDGIVANALRVKVISGQFL
SDRKVGIYVEVDMFGLPVDTRRKYRTRTSQGNSFNPVWDEEPFDFPKVVLPTLASLRIAAFEEGGKFVGHRILPVSAIRS
GYHYVCLRNEANQPLCLPALLIYTEASDYIPDDHQDYAEALINPIKHVSLMDQRARQLAALIGESEAQAGQET
;
B
#
loop_
_chem_comp.id
_chem_comp.type
_chem_comp.name
_chem_comp.formula
ALF non-polymer 'TETRAFLUOROALUMINATE ION' 'Al F4 -1'
CA non-polymer 'CALCIUM ION' 'Ca 2'
GDP RNA linking GUANOSINE-5'-DIPHOSPHATE 'C10 H15 N5 O11 P2'
I3P non-polymer D-MYO-INOSITOL-1,4,5-TRIPHOSPHATE 'C6 H15 O15 P3'
MG non-polymer 'MAGNESIUM ION' 'Mg 2'
#
# COMPACT_ATOMS: atom_id res chain seq x y z
N ASP A 55 -22.94 28.05 -16.93
CA ASP A 55 -21.95 27.63 -17.97
C ASP A 55 -20.59 28.31 -17.76
N ALA A 56 -20.53 29.61 -18.05
CA ALA A 56 -19.26 30.36 -18.06
C ALA A 56 -19.01 31.08 -16.73
N ARG A 57 -18.82 30.29 -15.67
CA ARG A 57 -18.52 30.84 -14.35
C ARG A 57 -17.01 31.00 -14.17
N ARG A 58 -16.62 32.01 -13.40
CA ARG A 58 -15.22 32.21 -13.05
C ARG A 58 -14.91 31.30 -11.87
N GLU A 59 -13.67 30.81 -11.79
CA GLU A 59 -13.24 29.96 -10.68
C GLU A 59 -12.07 30.59 -9.93
N LEU A 60 -12.24 30.74 -8.62
CA LEU A 60 -11.21 31.28 -7.74
C LEU A 60 -10.75 30.17 -6.81
N LYS A 61 -9.51 30.28 -6.32
CA LYS A 61 -8.86 29.20 -5.56
C LYS A 61 -8.38 29.69 -4.19
N LEU A 62 -9.05 29.22 -3.14
CA LEU A 62 -8.72 29.62 -1.77
C LEU A 62 -7.90 28.54 -1.07
N LEU A 63 -7.08 28.95 -0.10
CA LEU A 63 -6.23 28.04 0.65
C LEU A 63 -6.58 28.01 2.13
N LEU A 64 -6.91 26.82 2.64
CA LEU A 64 -7.08 26.63 4.06
C LEU A 64 -5.76 26.24 4.67
N LEU A 65 -5.09 27.19 5.31
CA LEU A 65 -3.81 26.91 5.97
C LEU A 65 -3.92 27.14 7.46
N GLY A 66 -3.13 26.39 8.22
CA GLY A 66 -3.05 26.55 9.68
C GLY A 66 -2.22 25.46 10.31
N THR A 67 -1.90 25.60 11.59
CA THR A 67 -1.28 24.54 12.35
C THR A 67 -2.29 23.42 12.53
N GLY A 68 -1.80 22.24 12.92
CA GLY A 68 -2.68 21.07 13.05
C GLY A 68 -3.80 21.27 14.05
N GLU A 69 -4.96 20.68 13.75
CA GLU A 69 -6.09 20.65 14.68
C GLU A 69 -6.71 22.03 14.96
N SER A 70 -6.88 22.83 13.91
CA SER A 70 -7.37 24.21 14.06
C SER A 70 -8.76 24.42 13.49
N GLY A 71 -9.24 23.50 12.65
CA GLY A 71 -10.59 23.60 12.08
C GLY A 71 -10.68 23.39 10.59
N LYS A 72 -9.56 23.51 9.88
CA LYS A 72 -9.54 23.45 8.41
C LYS A 72 -10.56 22.49 7.82
N SER A 73 -10.51 21.23 8.25
CA SER A 73 -11.38 20.20 7.72
C SER A 73 -12.84 20.42 8.13
N THR A 74 -13.03 20.83 9.39
CA THR A 74 -14.37 21.14 9.89
C THR A 74 -15.01 22.22 9.04
N PHE A 75 -14.28 23.32 8.85
CA PHE A 75 -14.71 24.41 7.98
C PHE A 75 -15.18 23.89 6.63
N ILE A 76 -14.39 22.98 6.03
CA ILE A 76 -14.73 22.34 4.75
C ILE A 76 -16.05 21.59 4.81
N LYS A 77 -16.30 20.92 5.93
CA LYS A 77 -17.58 20.25 6.12
C LYS A 77 -18.72 21.28 6.13
N GLN A 78 -18.53 22.36 6.87
CA GLN A 78 -19.52 23.44 6.92
C GLN A 78 -19.80 24.01 5.53
N MET A 79 -18.77 24.10 4.69
CA MET A 79 -18.96 24.46 3.30
C MET A 79 -19.82 23.42 2.60
N ARG A 80 -19.52 22.15 2.81
CA ARG A 80 -20.28 21.07 2.19
C ARG A 80 -21.73 21.06 2.65
N ILE A 81 -21.96 21.43 3.91
CA ILE A 81 -23.32 21.50 4.45
C ILE A 81 -24.07 22.68 3.81
N ILE A 82 -23.48 23.87 3.96
CA ILE A 82 -24.13 25.11 3.55
C ILE A 82 -24.20 25.24 2.03
N HIS A 83 -23.05 25.10 1.38
CA HIS A 83 -22.93 25.30 -0.06
C HIS A 83 -22.91 23.99 -0.86
N GLY A 84 -22.18 23.00 -0.36
CA GLY A 84 -22.04 21.71 -1.06
C GLY A 84 -23.27 20.83 -1.01
N SER A 85 -23.08 19.55 -1.32
CA SER A 85 -24.18 18.58 -1.40
C SER A 85 -24.78 18.25 -0.03
N GLY A 86 -23.98 18.37 1.02
CA GLY A 86 -24.44 18.07 2.37
C GLY A 86 -24.23 16.61 2.72
N TYR A 87 -24.86 16.18 3.82
CA TYR A 87 -24.73 14.82 4.34
C TYR A 87 -26.09 14.12 4.42
N SER A 88 -26.34 13.18 3.51
CA SER A 88 -27.54 12.33 3.57
C SER A 88 -27.36 11.33 4.71
N ASP A 89 -28.44 10.67 5.11
CA ASP A 89 -28.38 9.66 6.17
C ASP A 89 -27.43 8.51 5.80
N GLU A 90 -27.30 8.24 4.51
CA GLU A 90 -26.28 7.31 4.01
C GLU A 90 -24.89 7.78 4.39
N ASP A 91 -24.59 9.04 4.12
CA ASP A 91 -23.27 9.63 4.38
C ASP A 91 -22.92 9.67 5.87
N LYS A 92 -23.95 9.75 6.72
CA LYS A 92 -23.76 9.78 8.18
C LYS A 92 -23.33 8.44 8.74
N ARG A 93 -23.86 7.34 8.21
CA ARG A 93 -23.46 6.00 8.66
C ARG A 93 -21.98 5.73 8.40
N GLY A 94 -21.38 6.42 7.43
CA GLY A 94 -19.94 6.35 7.20
C GLY A 94 -19.13 6.85 8.38
N PHE A 95 -19.69 7.81 9.12
CA PHE A 95 -19.00 8.39 10.27
C PHE A 95 -19.17 7.63 11.58
N THR A 96 -20.06 6.63 11.61
CA THR A 96 -20.34 5.93 12.86
C THR A 96 -19.06 5.27 13.40
N LYS A 97 -18.35 4.55 12.55
CA LYS A 97 -17.06 3.95 12.94
C LYS A 97 -16.12 5.01 13.51
N LEU A 98 -16.01 6.13 12.82
CA LEU A 98 -15.12 7.22 13.21
C LEU A 98 -15.44 7.74 14.62
N VAL A 99 -16.73 7.86 14.94
CA VAL A 99 -17.15 8.33 16.25
C VAL A 99 -16.80 7.31 17.33
N TYR A 100 -16.99 6.03 17.02
CA TYR A 100 -16.60 4.99 17.96
C TYR A 100 -15.10 5.07 18.23
N GLN A 101 -14.31 5.10 17.17
CA GLN A 101 -12.86 5.20 17.31
C GLN A 101 -12.44 6.42 18.13
N ASN A 102 -13.03 7.58 17.85
CA ASN A 102 -12.74 8.78 18.64
C ASN A 102 -12.85 8.51 20.13
N ILE A 103 -13.96 7.89 20.52
CA ILE A 103 -14.28 7.66 21.92
C ILE A 103 -13.21 6.80 22.58
N PHE A 104 -12.80 5.73 21.92
CA PHE A 104 -11.70 4.88 22.41
C PHE A 104 -10.42 5.68 22.51
N THR A 105 -10.03 6.29 21.39
CA THR A 105 -8.78 7.05 21.32
C THR A 105 -8.71 8.03 22.48
N ALA A 106 -9.81 8.76 22.68
CA ALA A 106 -9.88 9.75 23.76
C ALA A 106 -9.73 9.10 25.13
N MET A 107 -10.34 7.93 25.32
CA MET A 107 -10.27 7.25 26.59
C MET A 107 -8.89 6.66 26.83
N GLN A 108 -8.32 6.02 25.80
CA GLN A 108 -6.95 5.48 25.89
C GLN A 108 -5.93 6.57 26.17
N ALA A 109 -6.16 7.76 25.63
CA ALA A 109 -5.30 8.92 25.91
C ALA A 109 -5.35 9.30 27.39
N MET A 110 -6.54 9.26 27.97
CA MET A 110 -6.72 9.58 29.38
C MET A 110 -6.20 8.48 30.30
N ILE A 111 -6.25 7.24 29.84
CA ILE A 111 -5.80 6.09 30.62
C ILE A 111 -4.29 6.09 30.77
N ARG A 112 -3.58 6.41 29.68
CA ARG A 112 -2.14 6.55 29.73
C ARG A 112 -1.74 7.76 30.57
N ALA A 113 -2.56 8.80 30.51
CA ALA A 113 -2.34 10.03 31.28
C ALA A 113 -2.47 9.83 32.78
N MET A 114 -3.23 8.82 33.20
CA MET A 114 -3.34 8.48 34.62
C MET A 114 -2.00 7.97 35.14
N ASP A 115 -1.26 7.24 34.29
CA ASP A 115 0.08 6.78 34.64
C ASP A 115 1.07 7.94 34.55
N THR A 116 1.04 8.64 33.42
CA THR A 116 1.94 9.75 33.17
C THR A 116 1.84 10.82 34.25
N LEU A 117 0.63 11.29 34.53
CA LEU A 117 0.40 12.33 35.53
C LEU A 117 0.20 11.78 36.96
N LYS A 118 0.23 10.46 37.10
CA LYS A 118 0.16 9.77 38.40
C LYS A 118 -1.13 10.07 39.19
N ILE A 119 -2.25 9.71 38.59
CA ILE A 119 -3.57 9.93 39.17
C ILE A 119 -4.18 8.59 39.59
N PRO A 120 -4.65 8.50 40.86
CA PRO A 120 -5.30 7.26 41.29
C PRO A 120 -6.73 7.17 40.79
N TYR A 121 -7.14 5.96 40.37
CA TYR A 121 -8.53 5.69 40.03
C TYR A 121 -9.32 5.68 41.32
N LYS A 122 -10.26 6.60 41.46
CA LYS A 122 -11.05 6.72 42.68
C LYS A 122 -11.65 5.38 43.07
N TYR A 123 -12.38 4.77 42.14
CA TYR A 123 -13.07 3.51 42.39
C TYR A 123 -12.25 2.33 41.88
N GLU A 124 -12.04 1.35 42.77
CA GLU A 124 -11.17 0.21 42.53
C GLU A 124 -11.43 -0.52 41.21
N HIS A 125 -12.69 -0.87 40.98
CA HIS A 125 -13.05 -1.74 39.85
C HIS A 125 -12.73 -1.16 38.47
N ASN A 126 -12.50 0.16 38.40
CA ASN A 126 -12.12 0.81 37.14
C ASN A 126 -10.73 0.46 36.63
N LYS A 127 -9.85 -0.01 37.51
CA LYS A 127 -8.55 -0.52 37.07
C LYS A 127 -8.76 -1.65 36.07
N ALA A 128 -9.73 -2.52 36.36
CA ALA A 128 -10.09 -3.62 35.48
C ALA A 128 -10.66 -3.10 34.16
N HIS A 129 -11.54 -2.10 34.24
CA HIS A 129 -12.08 -1.45 33.04
C HIS A 129 -10.97 -0.76 32.26
N ALA A 130 -10.06 -0.11 32.97
CA ALA A 130 -8.93 0.59 32.37
C ALA A 130 -8.04 -0.35 31.55
N GLN A 131 -7.82 -1.55 32.09
CA GLN A 131 -7.00 -2.56 31.42
C GLN A 131 -7.73 -3.12 30.19
N LEU A 132 -9.05 -3.19 30.26
CA LEU A 132 -9.87 -3.68 29.14
C LEU A 132 -9.78 -2.75 27.93
N VAL A 133 -9.96 -1.45 28.16
CA VAL A 133 -10.00 -0.47 27.09
C VAL A 133 -8.61 -0.18 26.50
N ARG A 134 -7.56 -0.26 27.32
CA ARG A 134 -6.21 0.08 26.86
C ARG A 134 -5.56 -0.99 25.98
N GLU A 135 -6.10 -2.21 25.99
CA GLU A 135 -5.59 -3.30 25.14
C GLU A 135 -6.24 -3.32 23.76
N VAL A 136 -7.24 -2.47 23.55
CA VAL A 136 -7.96 -2.40 22.28
C VAL A 136 -7.11 -1.69 21.23
N ASP A 137 -7.07 -2.25 20.03
CA ASP A 137 -6.47 -1.59 18.87
C ASP A 137 -7.55 -0.78 18.17
N VAL A 138 -7.48 0.54 18.31
CA VAL A 138 -8.55 1.44 17.82
C VAL A 138 -8.77 1.28 16.31
N GLU A 139 -7.72 0.93 15.58
CA GLU A 139 -7.80 0.76 14.13
C GLU A 139 -8.86 -0.27 13.72
N LYS A 140 -9.02 -1.32 14.53
CA LYS A 140 -9.93 -2.43 14.22
C LYS A 140 -11.33 -2.26 14.80
N VAL A 141 -11.61 -1.10 15.42
CA VAL A 141 -12.91 -0.83 16.02
C VAL A 141 -13.97 -0.57 14.94
N SER A 142 -15.09 -1.26 15.04
CA SER A 142 -16.25 -0.97 14.19
C SER A 142 -17.57 -1.31 14.89
N ALA A 143 -17.58 -1.17 16.22
CA ALA A 143 -18.78 -1.46 17.02
C ALA A 143 -18.57 -0.99 18.44
N PHE A 144 -19.66 -0.55 19.06
CA PHE A 144 -19.63 -0.02 20.41
C PHE A 144 -20.64 -0.80 21.26
N GLU A 145 -20.24 -2.03 21.59
CA GLU A 145 -21.07 -2.94 22.37
C GLU A 145 -20.42 -3.18 23.72
N ASN A 146 -21.12 -3.90 24.58
CA ASN A 146 -20.54 -4.28 25.86
C ASN A 146 -19.49 -5.38 25.68
N PRO A 147 -18.53 -5.48 26.62
CA PRO A 147 -18.41 -4.74 27.88
C PRO A 147 -17.85 -3.32 27.79
N TYR A 148 -17.50 -2.87 26.59
CA TYR A 148 -16.76 -1.61 26.40
C TYR A 148 -17.61 -0.36 26.68
N VAL A 149 -18.89 -0.43 26.30
CA VAL A 149 -19.83 0.66 26.56
C VAL A 149 -19.90 0.96 28.05
N ASP A 150 -20.14 -0.08 28.86
CA ASP A 150 -20.20 0.09 30.31
C ASP A 150 -18.83 0.40 30.89
N ALA A 151 -17.78 -0.19 30.31
CA ALA A 151 -16.41 0.07 30.77
C ALA A 151 -16.08 1.55 30.69
N ILE A 152 -16.23 2.10 29.49
CA ILE A 152 -15.89 3.49 29.25
C ILE A 152 -16.80 4.45 30.03
N LYS A 153 -18.09 4.15 30.06
CA LYS A 153 -19.02 4.94 30.89
C LYS A 153 -18.59 4.93 32.35
N SER A 154 -18.21 3.75 32.84
CA SER A 154 -17.76 3.60 34.23
C SER A 154 -16.46 4.37 34.48
N LEU A 155 -15.57 4.37 33.49
CA LEU A 155 -14.33 5.13 33.56
C LEU A 155 -14.59 6.64 33.54
N TRP A 156 -15.38 7.09 32.56
CA TRP A 156 -15.74 8.50 32.42
C TRP A 156 -16.38 9.08 33.69
N ASN A 157 -17.03 8.22 34.47
CA ASN A 157 -17.68 8.61 35.71
C ASN A 157 -16.72 8.77 36.90
N ASP A 158 -15.52 8.21 36.77
CA ASP A 158 -14.56 8.18 37.87
C ASP A 158 -13.90 9.54 38.08
N PRO A 159 -13.95 10.07 39.32
CA PRO A 159 -13.30 11.35 39.68
C PRO A 159 -11.83 11.47 39.29
N GLY A 160 -11.10 10.36 39.37
CA GLY A 160 -9.70 10.31 38.92
C GLY A 160 -9.57 10.55 37.43
N ILE A 161 -10.45 9.93 36.64
CA ILE A 161 -10.51 10.16 35.21
C ILE A 161 -11.01 11.57 34.91
N GLN A 162 -11.92 12.08 35.75
CA GLN A 162 -12.39 13.46 35.60
C GLN A 162 -11.30 14.47 35.90
N GLU A 163 -10.48 14.21 36.92
CA GLU A 163 -9.38 15.09 37.26
C GLU A 163 -8.29 15.06 36.19
N CYS A 164 -8.14 13.90 35.54
CA CYS A 164 -7.25 13.78 34.40
C CYS A 164 -7.74 14.61 33.22
N TYR A 165 -9.07 14.65 33.02
CA TYR A 165 -9.66 15.49 31.98
C TYR A 165 -9.40 16.97 32.27
N ASP A 166 -9.47 17.35 33.55
CA ASP A 166 -9.21 18.73 33.97
C ASP A 166 -7.78 19.19 33.66
N ARG A 167 -6.90 18.25 33.35
CA ARG A 167 -5.51 18.57 33.02
C ARG A 167 -5.16 18.11 31.60
N ARG A 168 -6.12 18.17 30.69
CA ARG A 168 -5.90 17.73 29.30
C ARG A 168 -4.89 18.60 28.56
N ARG A 169 -4.59 19.77 29.11
CA ARG A 169 -3.52 20.64 28.63
C ARG A 169 -2.17 19.93 28.60
N GLU A 170 -1.94 19.07 29.60
CA GLU A 170 -0.63 18.44 29.80
C GLU A 170 -0.37 17.21 28.93
N TYR A 171 -1.30 16.89 28.02
CA TYR A 171 -1.14 15.80 27.05
C TYR A 171 -2.04 16.03 25.84
N GLN A 172 -2.01 15.11 24.87
CA GLN A 172 -2.76 15.30 23.62
C GLN A 172 -4.14 14.65 23.67
N LEU A 173 -5.17 15.46 23.93
CA LEU A 173 -6.56 15.00 23.99
C LEU A 173 -7.41 15.83 23.05
N SER A 174 -8.35 15.19 22.36
CA SER A 174 -9.18 15.88 21.36
C SER A 174 -10.19 16.82 22.02
N ASP A 175 -10.63 17.81 21.24
CA ASP A 175 -11.55 18.85 21.74
C ASP A 175 -13.02 18.54 21.41
N SER A 176 -13.31 17.27 21.17
CA SER A 176 -14.70 16.80 21.12
C SER A 176 -14.86 15.62 22.07
N THR A 177 -13.95 15.50 23.03
CA THR A 177 -13.94 14.36 23.95
C THR A 177 -15.11 14.46 24.93
N LYS A 178 -15.26 15.59 25.59
CA LYS A 178 -16.38 15.79 26.52
C LYS A 178 -17.71 15.73 25.78
N TYR A 179 -17.74 16.30 24.57
CA TYR A 179 -18.93 16.28 23.74
C TYR A 179 -19.43 14.86 23.53
N TYR A 180 -18.51 13.95 23.25
CA TYR A 180 -18.87 12.55 23.01
C TYR A 180 -19.05 11.77 24.31
N LEU A 181 -18.08 11.87 25.20
CA LEU A 181 -18.09 11.04 26.41
C LEU A 181 -19.22 11.34 27.38
N ASN A 182 -19.75 12.56 27.37
CA ASN A 182 -20.97 12.84 28.13
C ASN A 182 -22.18 12.12 27.52
N ASP A 183 -22.33 12.23 26.19
CA ASP A 183 -23.48 11.66 25.48
C ASP A 183 -23.20 10.23 24.98
N LEU A 184 -22.90 9.31 25.89
CA LEU A 184 -22.57 7.93 25.53
C LEU A 184 -23.79 7.07 25.28
N ASP A 185 -24.90 7.37 25.97
CA ASP A 185 -26.13 6.60 25.85
C ASP A 185 -26.71 6.65 24.44
N ARG A 186 -26.73 7.84 23.85
CA ARG A 186 -27.22 8.02 22.47
C ARG A 186 -26.34 7.27 21.47
N VAL A 187 -25.05 7.19 21.77
CA VAL A 187 -24.06 6.53 20.91
C VAL A 187 -24.09 4.99 21.08
N ALA A 188 -24.14 4.53 22.33
CA ALA A 188 -24.23 3.11 22.63
C ALA A 188 -25.45 2.44 21.98
N ASP A 189 -26.55 3.19 21.85
CA ASP A 189 -27.76 2.73 21.15
C ASP A 189 -27.40 1.91 19.91
N PRO A 190 -27.96 0.69 19.77
CA PRO A 190 -27.61 -0.18 18.63
C PRO A 190 -28.21 0.23 17.27
N SER A 191 -29.09 1.23 17.24
CA SER A 191 -29.64 1.78 15.99
C SER A 191 -29.11 3.19 15.71
N TYR A 192 -27.99 3.54 16.35
CA TYR A 192 -27.46 4.90 16.36
C TYR A 192 -27.09 5.44 14.97
N LEU A 193 -27.61 6.62 14.64
CA LEU A 193 -27.21 7.37 13.46
C LEU A 193 -26.68 8.73 13.94
N PRO A 194 -25.39 9.03 13.68
CA PRO A 194 -24.79 10.31 14.09
C PRO A 194 -25.52 11.54 13.57
N THR A 195 -25.70 12.53 14.45
CA THR A 195 -26.29 13.81 14.06
C THR A 195 -25.33 14.58 13.16
N GLN A 196 -25.80 15.70 12.61
CA GLN A 196 -24.94 16.57 11.82
C GLN A 196 -23.82 17.15 12.69
N GLN A 197 -24.16 17.50 13.93
CA GLN A 197 -23.15 17.98 14.89
C GLN A 197 -22.16 16.88 15.30
N ASP A 198 -22.61 15.62 15.34
CA ASP A 198 -21.69 14.49 15.58
C ASP A 198 -20.66 14.36 14.46
N VAL A 199 -21.09 14.60 13.22
CA VAL A 199 -20.19 14.56 12.06
C VAL A 199 -19.22 15.73 12.11
N LEU A 200 -19.69 16.89 12.53
CA LEU A 200 -18.82 18.07 12.66
C LEU A 200 -17.77 17.90 13.76
N ARG A 201 -18.16 17.32 14.89
CA ARG A 201 -17.26 17.13 16.02
C ARG A 201 -16.23 16.01 15.84
N VAL A 202 -16.42 15.14 14.83
CA VAL A 202 -15.53 13.98 14.64
C VAL A 202 -14.14 14.44 14.17
N ARG A 203 -13.12 13.64 14.47
CA ARG A 203 -11.72 14.01 14.22
C ARG A 203 -11.01 13.00 13.34
N VAL A 204 -10.49 13.46 12.19
CA VAL A 204 -9.79 12.61 11.22
C VAL A 204 -8.61 13.37 10.61
N PRO A 205 -7.38 13.13 11.12
CA PRO A 205 -6.23 13.92 10.68
C PRO A 205 -6.04 13.91 9.16
N THR A 206 -5.77 15.09 8.61
CA THR A 206 -5.64 15.29 7.18
C THR A 206 -4.18 15.19 6.75
N THR A 207 -3.95 14.68 5.55
CA THR A 207 -2.60 14.59 5.00
C THR A 207 -2.61 14.83 3.48
N GLY A 208 -1.62 15.60 3.01
CA GLY A 208 -1.49 15.91 1.59
C GLY A 208 -2.30 17.13 1.18
N ILE A 209 -2.76 17.12 -0.07
CA ILE A 209 -3.45 18.26 -0.67
C ILE A 209 -4.77 17.83 -1.31
N ILE A 210 -5.88 18.16 -0.66
CA ILE A 210 -7.20 17.86 -1.19
C ILE A 210 -7.89 19.15 -1.59
N GLU A 211 -8.45 19.16 -2.79
CA GLU A 211 -9.22 20.29 -3.30
C GLU A 211 -10.70 19.94 -3.27
N TYR A 212 -11.53 20.89 -2.86
CA TYR A 212 -12.98 20.73 -2.87
C TYR A 212 -13.62 21.93 -3.55
N PRO A 213 -14.19 21.74 -4.75
CA PRO A 213 -14.90 22.83 -5.41
C PRO A 213 -16.30 22.99 -4.85
N PHE A 214 -16.82 24.23 -4.83
CA PHE A 214 -18.19 24.50 -4.37
C PHE A 214 -18.89 25.47 -5.33
N ASP A 215 -19.93 24.97 -6.00
CA ASP A 215 -20.67 25.77 -6.98
C ASP A 215 -21.63 26.74 -6.28
N LEU A 216 -21.09 27.87 -5.85
CA LEU A 216 -21.91 28.98 -5.34
C LEU A 216 -22.47 29.72 -6.55
N GLN A 217 -23.65 30.31 -6.40
CA GLN A 217 -24.38 30.88 -7.53
C GLN A 217 -23.49 31.70 -8.46
N SER A 218 -22.75 32.67 -7.90
CA SER A 218 -21.96 33.61 -8.71
C SER A 218 -20.56 33.10 -9.07
N VAL A 219 -19.89 32.40 -8.15
CA VAL A 219 -18.51 31.96 -8.36
C VAL A 219 -18.27 30.57 -7.79
N ILE A 220 -17.28 29.85 -8.34
CA ILE A 220 -16.90 28.54 -7.81
C ILE A 220 -15.62 28.67 -6.99
N PHE A 221 -15.66 28.15 -5.77
CA PHE A 221 -14.50 28.20 -4.86
C PHE A 221 -13.82 26.84 -4.77
N ARG A 222 -12.67 26.73 -5.44
CA ARG A 222 -11.79 25.57 -5.27
C ARG A 222 -10.97 25.75 -4.00
N MET A 223 -11.53 25.29 -2.88
CA MET A 223 -10.85 25.38 -1.60
C MET A 223 -9.96 24.16 -1.41
N VAL A 224 -8.74 24.40 -0.94
CA VAL A 224 -7.72 23.36 -0.83
C VAL A 224 -7.37 23.12 0.63
N ASP A 225 -7.89 22.04 1.19
CA ASP A 225 -7.57 21.65 2.56
C ASP A 225 -6.22 20.97 2.58
N VAL A 226 -5.41 21.28 3.59
CA VAL A 226 -4.09 20.69 3.74
C VAL A 226 -3.88 20.19 5.17
N GLY A 227 -2.82 19.40 5.36
CA GLY A 227 -2.41 18.99 6.69
C GLY A 227 -1.67 20.12 7.38
N GLY A 228 -1.94 20.30 8.68
CA GLY A 228 -1.36 21.39 9.45
C GLY A 228 -0.04 21.08 10.16
N GLN A 229 0.20 19.80 10.42
CA GLN A 229 1.39 19.40 11.18
C GLN A 229 2.64 19.78 10.42
N ARG A 230 3.77 19.86 11.12
CA ARG A 230 5.01 20.37 10.54
C ARG A 230 5.46 19.62 9.29
N SER A 231 5.51 18.28 9.37
CA SER A 231 5.90 17.47 8.22
C SER A 231 5.06 17.79 6.98
N GLU A 232 3.77 18.08 7.20
CA GLU A 232 2.86 18.35 6.08
C GLU A 232 3.13 19.67 5.37
N ARG A 233 3.76 20.62 6.05
CA ARG A 233 3.89 21.98 5.53
C ARG A 233 4.88 22.03 4.37
N ARG A 234 5.72 21.00 4.26
CA ARG A 234 6.64 20.86 3.13
C ARG A 234 5.89 20.63 1.81
N LYS A 235 4.72 20.01 1.90
CA LYS A 235 3.88 19.70 0.73
C LYS A 235 3.07 20.90 0.24
N TRP A 236 2.88 21.90 1.10
CA TRP A 236 2.02 23.07 0.81
C TRP A 236 2.35 23.80 -0.49
N ILE A 237 3.63 23.85 -0.85
CA ILE A 237 4.09 24.56 -2.04
C ILE A 237 3.40 24.07 -3.32
N HIS A 238 2.95 22.82 -3.34
CA HIS A 238 2.29 22.26 -4.51
C HIS A 238 0.80 22.62 -4.59
N CYS A 239 0.38 23.67 -3.87
CA CYS A 239 -0.95 24.28 -4.08
C CYS A 239 -0.87 25.81 -4.07
N PHE A 240 0.32 26.37 -4.30
CA PHE A 240 0.57 27.80 -4.14
C PHE A 240 0.36 28.61 -5.41
N GLU A 241 0.23 27.94 -6.56
CA GLU A 241 0.01 28.65 -7.81
C GLU A 241 -1.40 29.24 -7.91
N ASN A 242 -1.47 30.45 -8.44
CA ASN A 242 -2.74 31.10 -8.80
C ASN A 242 -3.75 31.07 -7.66
N VAL A 243 -3.35 31.67 -6.54
CA VAL A 243 -4.16 31.68 -5.31
C VAL A 243 -4.82 33.04 -5.11
N THR A 244 -6.15 33.08 -5.20
CA THR A 244 -6.93 34.32 -4.99
C THR A 244 -6.80 34.83 -3.56
N SER A 245 -7.04 33.95 -2.59
CA SER A 245 -7.01 34.30 -1.19
C SER A 245 -6.48 33.18 -0.33
N ILE A 246 -5.75 33.53 0.72
CA ILE A 246 -5.42 32.60 1.78
C ILE A 246 -6.45 32.76 2.88
N MET A 247 -6.94 31.64 3.38
CA MET A 247 -7.79 31.65 4.57
C MET A 247 -7.06 30.90 5.68
N PHE A 248 -6.60 31.66 6.66
CA PHE A 248 -5.81 31.11 7.74
C PHE A 248 -6.73 30.85 8.95
N LEU A 249 -6.69 29.62 9.46
CA LEU A 249 -7.43 29.27 10.68
C LEU A 249 -6.47 29.15 11.86
N VAL A 250 -6.90 29.66 13.01
CA VAL A 250 -6.12 29.60 14.24
C VAL A 250 -7.02 29.19 15.40
N ALA A 251 -6.61 28.18 16.17
CA ALA A 251 -7.38 27.78 17.33
C ALA A 251 -7.12 28.77 18.46
N LEU A 252 -8.12 29.57 18.80
CA LEU A 252 -8.01 30.50 19.92
C LEU A 252 -7.74 29.76 21.23
N SER A 253 -8.22 28.52 21.32
CA SER A 253 -8.06 27.72 22.52
C SER A 253 -6.62 27.20 22.75
N GLU A 254 -5.78 27.19 21.73
CA GLU A 254 -4.46 26.57 21.84
C GLU A 254 -3.40 27.43 22.54
N TYR A 255 -3.78 28.56 23.11
CA TYR A 255 -2.81 29.52 23.67
C TYR A 255 -1.96 28.97 24.84
N ASP A 256 -2.44 27.94 25.52
CA ASP A 256 -1.71 27.34 26.63
C ASP A 256 -1.27 25.90 26.33
N GLN A 257 -1.25 25.53 25.05
CA GLN A 257 -0.98 24.16 24.64
C GLN A 257 0.32 24.08 23.85
N VAL A 258 0.99 22.93 23.94
CA VAL A 258 2.21 22.67 23.20
C VAL A 258 1.91 21.68 22.08
N LEU A 259 2.62 21.83 20.96
CA LEU A 259 2.37 21.01 19.77
C LEU A 259 2.46 19.52 20.04
N VAL A 260 1.86 18.71 19.16
CA VAL A 260 2.00 17.26 19.23
C VAL A 260 3.42 16.93 18.80
N GLU A 261 3.82 17.44 17.64
CA GLU A 261 5.15 17.20 17.08
C GLU A 261 6.30 17.85 17.88
N SER A 262 5.98 18.72 18.82
CA SER A 262 6.98 19.30 19.73
C SER A 262 6.38 19.60 21.10
N ASP A 263 6.77 18.78 22.09
CA ASP A 263 6.20 18.87 23.44
C ASP A 263 6.73 20.05 24.28
N ASN A 264 7.63 20.86 23.73
CA ASN A 264 8.17 22.02 24.44
C ASN A 264 7.91 23.36 23.75
N GLU A 265 7.08 23.38 22.72
CA GLU A 265 6.79 24.62 21.98
C GLU A 265 5.29 24.91 21.89
N ASN A 266 4.95 26.16 22.20
CA ASN A 266 3.58 26.64 22.28
C ASN A 266 2.87 26.66 20.93
N ARG A 267 1.62 26.19 20.90
CA ARG A 267 0.86 26.03 19.65
C ARG A 267 0.47 27.34 18.98
N MET A 268 0.11 28.33 19.79
CA MET A 268 -0.26 29.64 19.27
C MET A 268 0.99 30.39 18.81
N GLU A 269 2.06 30.28 19.57
CA GLU A 269 3.35 30.84 19.19
C GLU A 269 3.77 30.36 17.79
N GLU A 270 3.45 29.09 17.50
CA GLU A 270 3.72 28.49 16.19
C GLU A 270 2.76 28.96 15.11
N SER A 271 1.48 29.04 15.47
CA SER A 271 0.45 29.50 14.53
C SER A 271 0.72 30.95 14.16
N LYS A 272 0.88 31.78 15.19
CA LYS A 272 1.31 33.17 15.04
C LYS A 272 2.49 33.27 14.08
N ALA A 273 3.60 32.61 14.43
CA ALA A 273 4.82 32.64 13.61
C ALA A 273 4.57 32.16 12.18
N LEU A 274 3.75 31.13 12.03
CA LEU A 274 3.46 30.57 10.71
C LEU A 274 2.68 31.57 9.86
N PHE A 275 1.72 32.25 10.48
CA PHE A 275 0.91 33.25 9.77
C PHE A 275 1.76 34.43 9.28
N ARG A 276 2.62 34.93 10.15
CA ARG A 276 3.48 36.07 9.81
C ARG A 276 4.38 35.75 8.62
N THR A 277 4.91 34.54 8.60
CA THR A 277 5.74 34.05 7.50
C THR A 277 4.92 33.93 6.21
N ILE A 278 3.83 33.18 6.28
CA ILE A 278 3.07 32.77 5.08
C ILE A 278 2.45 33.92 4.28
N ILE A 279 2.05 35.00 4.93
CA ILE A 279 1.44 36.14 4.22
C ILE A 279 2.42 36.96 3.38
N THR A 280 3.72 36.88 3.69
CA THR A 280 4.75 37.64 2.98
C THR A 280 5.52 36.77 1.98
N TYR A 281 4.78 35.99 1.20
CA TYR A 281 5.37 35.08 0.22
C TYR A 281 5.02 35.55 -1.20
N PRO A 282 5.98 35.46 -2.13
CA PRO A 282 5.80 35.87 -3.54
C PRO A 282 4.48 35.42 -4.19
N TRP A 283 4.01 34.23 -3.81
CA TRP A 283 2.78 33.69 -4.38
C TRP A 283 1.56 34.50 -3.94
N PHE A 284 1.69 35.20 -2.81
CA PHE A 284 0.59 35.95 -2.22
C PHE A 284 0.91 37.45 -2.18
N GLN A 285 1.21 38.00 -3.36
CA GLN A 285 1.31 39.43 -3.54
C GLN A 285 -0.08 39.96 -3.80
N ASN A 286 -0.75 39.35 -4.77
CA ASN A 286 -2.08 39.75 -5.22
C ASN A 286 -3.17 38.84 -4.66
N SER A 287 -3.01 38.45 -3.40
CA SER A 287 -3.98 37.59 -2.73
C SER A 287 -4.44 38.25 -1.46
N SER A 288 -5.75 38.23 -1.21
CA SER A 288 -6.29 38.69 0.06
C SER A 288 -5.97 37.66 1.14
N VAL A 289 -6.08 38.06 2.41
CA VAL A 289 -5.73 37.20 3.52
C VAL A 289 -6.81 37.25 4.59
N ILE A 290 -7.77 36.33 4.52
CA ILE A 290 -8.77 36.21 5.56
C ILE A 290 -8.15 35.39 6.69
N LEU A 291 -8.34 35.87 7.91
CA LEU A 291 -7.82 35.19 9.09
C LEU A 291 -8.98 34.76 9.99
N PHE A 292 -9.24 33.45 10.05
CA PHE A 292 -10.24 32.92 10.98
C PHE A 292 -9.63 32.58 12.33
N LEU A 293 -10.03 33.31 13.37
CA LEU A 293 -9.64 32.96 14.73
C LEU A 293 -10.72 32.06 15.28
N ASN A 294 -10.45 30.76 15.27
CA ASN A 294 -11.46 29.74 15.52
C ASN A 294 -11.51 29.28 16.98
N LYS A 295 -12.58 28.56 17.31
CA LYS A 295 -12.77 27.95 18.64
C LYS A 295 -13.06 28.96 19.73
N LYS A 296 -13.70 30.07 19.37
CA LYS A 296 -14.01 31.12 20.34
C LYS A 296 -14.76 30.57 21.55
N ASP A 297 -15.63 29.59 21.33
CA ASP A 297 -16.38 28.94 22.41
C ASP A 297 -15.46 28.30 23.46
N LEU A 298 -14.40 27.65 23.00
CA LEU A 298 -13.46 27.00 23.90
C LEU A 298 -12.64 28.03 24.68
N LEU A 299 -12.38 29.18 24.07
CA LEU A 299 -11.70 30.26 24.76
C LEU A 299 -12.55 30.71 25.94
N GLU A 300 -13.81 31.06 25.65
CA GLU A 300 -14.75 31.50 26.69
C GLU A 300 -14.79 30.50 27.83
N GLU A 301 -14.73 29.22 27.49
CA GLU A 301 -14.76 28.15 28.48
C GLU A 301 -13.46 28.11 29.27
N LYS A 302 -12.33 28.08 28.57
CA LYS A 302 -11.02 27.90 29.21
C LYS A 302 -10.55 29.11 29.99
N ILE A 303 -10.80 30.29 29.45
CA ILE A 303 -10.24 31.53 29.98
C ILE A 303 -10.61 31.81 31.45
N MET A 304 -11.55 31.03 31.99
CA MET A 304 -11.96 31.16 33.38
C MET A 304 -10.90 30.64 34.36
N TYR A 305 -10.22 29.55 34.00
CA TYR A 305 -9.22 28.92 34.87
C TYR A 305 -7.77 29.10 34.41
N SER A 306 -7.51 28.91 33.11
CA SER A 306 -6.17 29.11 32.57
C SER A 306 -6.01 30.54 32.12
N HIS A 307 -5.01 31.23 32.67
CA HIS A 307 -4.79 32.66 32.41
C HIS A 307 -3.79 32.89 31.28
N LEU A 308 -4.16 33.74 30.32
CA LEU A 308 -3.29 34.05 29.18
C LEU A 308 -1.98 34.74 29.60
N VAL A 309 -2.03 35.48 30.71
CA VAL A 309 -0.85 36.15 31.26
C VAL A 309 0.29 35.16 31.51
N ASP A 310 -0.05 33.96 31.95
CA ASP A 310 0.93 32.95 32.30
C ASP A 310 1.67 32.36 31.08
N TYR A 311 1.07 32.46 29.90
CA TYR A 311 1.67 31.93 28.67
C TYR A 311 2.14 33.01 27.69
N PHE A 312 1.53 34.20 27.76
CA PHE A 312 1.97 35.35 26.98
C PHE A 312 2.13 36.56 27.91
N PRO A 313 3.33 36.73 28.50
CA PRO A 313 3.52 37.72 29.57
C PRO A 313 3.41 39.18 29.13
N GLU A 314 3.34 39.43 27.82
CA GLU A 314 3.09 40.76 27.29
C GLU A 314 1.59 41.02 27.09
N TYR A 315 0.75 40.34 27.86
CA TYR A 315 -0.70 40.59 27.87
C TYR A 315 -1.02 41.56 28.99
N ASP A 316 -1.82 42.58 28.66
CA ASP A 316 -2.10 43.69 29.57
C ASP A 316 -3.52 43.72 30.12
N GLY A 317 -4.46 43.06 29.42
CA GLY A 317 -5.86 43.00 29.85
C GLY A 317 -6.11 42.14 31.09
N PRO A 318 -7.37 42.11 31.58
CA PRO A 318 -7.69 41.42 32.81
C PRO A 318 -7.85 39.91 32.62
N GLN A 319 -7.84 39.18 33.73
CA GLN A 319 -8.05 37.74 33.71
C GLN A 319 -9.52 37.39 33.52
N ARG A 320 -9.78 36.17 33.06
CA ARG A 320 -11.14 35.63 32.92
C ARG A 320 -12.04 36.42 31.96
N ASP A 321 -11.43 37.24 31.10
CA ASP A 321 -12.17 38.03 30.12
C ASP A 321 -11.82 37.49 28.75
N ALA A 322 -12.78 36.85 28.12
CA ALA A 322 -12.57 36.17 26.84
C ALA A 322 -12.42 37.16 25.69
N GLN A 323 -13.23 38.21 25.71
CA GLN A 323 -13.26 39.17 24.62
C GLN A 323 -11.94 39.94 24.53
N ALA A 324 -11.42 40.36 25.67
CA ALA A 324 -10.13 41.06 25.72
C ALA A 324 -8.99 40.20 25.18
N ALA A 325 -9.02 38.91 25.51
CA ALA A 325 -7.96 37.97 25.12
C ALA A 325 -7.98 37.61 23.64
N ARG A 326 -9.18 37.39 23.08
CA ARG A 326 -9.29 37.06 21.66
C ARG A 326 -8.74 38.20 20.80
N GLU A 327 -8.98 39.43 21.24
CA GLU A 327 -8.55 40.62 20.51
C GLU A 327 -7.03 40.82 20.60
N PHE A 328 -6.47 40.56 21.78
CA PHE A 328 -5.02 40.54 21.94
C PHE A 328 -4.39 39.57 20.96
N ILE A 329 -4.98 38.39 20.83
CA ILE A 329 -4.46 37.37 19.92
C ILE A 329 -4.59 37.82 18.46
N LEU A 330 -5.69 38.46 18.12
CA LEU A 330 -5.85 39.05 16.79
C LEU A 330 -4.74 40.08 16.56
N LYS A 331 -4.54 40.94 17.56
CA LYS A 331 -3.51 41.97 17.52
C LYS A 331 -2.12 41.34 17.31
N MET A 332 -1.78 40.38 18.17
CA MET A 332 -0.54 39.60 18.04
C MET A 332 -0.21 39.15 16.61
N PHE A 333 -1.24 38.73 15.87
CA PHE A 333 -1.03 38.16 14.54
C PHE A 333 -0.80 39.23 13.48
N VAL A 334 -1.56 40.31 13.55
CA VAL A 334 -1.55 41.34 12.49
C VAL A 334 -0.70 42.59 12.79
N ASP A 335 -0.60 42.97 14.06
CA ASP A 335 0.05 44.23 14.42
C ASP A 335 1.57 44.19 14.33
N LEU A 336 2.15 45.38 14.07
CA LEU A 336 3.59 45.57 13.93
C LEU A 336 4.22 44.51 13.03
N ASN A 337 3.92 44.62 11.75
CA ASN A 337 4.45 43.73 10.73
C ASN A 337 5.15 44.56 9.64
N PRO A 338 6.49 44.66 9.70
CA PRO A 338 7.21 45.52 8.78
C PRO A 338 7.17 45.01 7.34
N ASP A 339 7.20 43.68 7.17
CA ASP A 339 7.22 43.06 5.86
C ASP A 339 5.83 42.68 5.33
N SER A 340 4.80 43.36 5.82
CA SER A 340 3.43 43.16 5.35
C SER A 340 2.72 44.50 5.18
N ASP A 341 1.98 44.64 4.08
CA ASP A 341 1.26 45.87 3.77
C ASP A 341 -0.19 45.62 3.29
N LYS A 342 -0.72 44.43 3.53
CA LYS A 342 -2.04 44.07 3.04
C LYS A 342 -3.02 44.03 4.21
N ILE A 343 -4.21 44.59 4.00
CA ILE A 343 -5.26 44.53 5.00
C ILE A 343 -5.70 43.08 5.19
N ILE A 344 -5.90 42.70 6.45
CA ILE A 344 -6.23 41.34 6.83
C ILE A 344 -7.64 41.35 7.41
N TYR A 345 -8.52 40.56 6.81
CA TYR A 345 -9.92 40.53 7.22
C TYR A 345 -10.16 39.40 8.21
N SER A 346 -9.96 39.72 9.49
CA SER A 346 -10.12 38.74 10.56
C SER A 346 -11.58 38.45 10.84
N HIS A 347 -11.84 37.28 11.42
CA HIS A 347 -13.17 36.90 11.86
C HIS A 347 -13.10 35.91 13.02
N PHE A 348 -13.92 36.15 14.04
CA PHE A 348 -13.98 35.24 15.20
C PHE A 348 -15.00 34.14 14.93
N THR A 349 -14.48 32.96 14.59
CA THR A 349 -15.31 31.83 14.16
C THR A 349 -15.42 30.74 15.21
N CYS A 350 -16.44 29.91 15.04
CA CYS A 350 -16.56 28.63 15.72
C CYS A 350 -17.01 27.63 14.66
N ALA A 351 -16.06 26.87 14.13
CA ALA A 351 -16.29 26.05 12.94
C ALA A 351 -17.30 24.93 13.13
N THR A 352 -17.63 24.60 14.39
CA THR A 352 -18.66 23.60 14.69
C THR A 352 -20.08 24.20 14.85
N ASP A 353 -20.24 25.48 14.51
CA ASP A 353 -21.51 26.19 14.62
C ASP A 353 -21.98 26.64 13.23
N THR A 354 -22.77 25.79 12.58
CA THR A 354 -23.19 26.02 11.20
C THR A 354 -23.66 27.44 10.89
N GLU A 355 -24.45 28.02 11.79
CA GLU A 355 -24.98 29.37 11.56
C GLU A 355 -23.91 30.46 11.67
N ASN A 356 -22.98 30.29 12.60
CA ASN A 356 -21.84 31.21 12.72
C ASN A 356 -21.04 31.23 11.42
N ILE A 357 -20.76 30.06 10.88
CA ILE A 357 -19.99 29.93 9.63
C ILE A 357 -20.81 30.39 8.42
N ARG A 358 -22.12 30.16 8.42
CA ARG A 358 -23.00 30.65 7.37
C ARG A 358 -23.03 32.17 7.34
N PHE A 359 -23.08 32.78 8.53
CA PHE A 359 -22.97 34.25 8.64
C PHE A 359 -21.57 34.72 8.24
N VAL A 360 -20.53 34.05 8.74
CA VAL A 360 -19.16 34.48 8.52
C VAL A 360 -18.74 34.35 7.06
N PHE A 361 -18.83 33.15 6.48
CA PHE A 361 -18.30 32.95 5.13
C PHE A 361 -19.03 33.76 4.04
N ALA A 362 -20.35 33.85 4.13
CA ALA A 362 -21.10 34.65 3.17
C ALA A 362 -20.56 36.08 3.08
N ALA A 363 -20.02 36.59 4.18
CA ALA A 363 -19.33 37.88 4.19
C ALA A 363 -17.98 37.83 3.47
N VAL A 364 -17.17 36.84 3.83
CA VAL A 364 -15.86 36.60 3.22
C VAL A 364 -15.97 36.47 1.70
N LYS A 365 -17.06 35.88 1.23
CA LYS A 365 -17.35 35.79 -0.21
C LYS A 365 -17.47 37.18 -0.84
N ASP A 366 -18.23 38.06 -0.21
CA ASP A 366 -18.43 39.41 -0.73
C ASP A 366 -17.17 40.25 -0.69
N THR A 367 -16.25 39.93 0.21
CA THR A 367 -14.94 40.59 0.25
C THR A 367 -14.01 40.10 -0.86
N ILE A 368 -14.02 38.80 -1.10
CA ILE A 368 -13.17 38.19 -2.12
C ILE A 368 -13.57 38.64 -3.53
N LEU A 369 -14.87 38.52 -3.84
CA LEU A 369 -15.37 38.90 -5.16
C LEU A 369 -15.17 40.39 -5.45
N GLN A 370 -15.29 41.22 -4.42
CA GLN A 370 -15.10 42.67 -4.53
C GLN A 370 -13.70 43.00 -5.02
N LEU A 371 -12.72 42.35 -4.41
CA LEU A 371 -11.31 42.55 -4.73
C LEU A 371 -10.92 41.91 -6.07
N ASN A 372 -11.78 41.04 -6.61
CA ASN A 372 -11.59 40.46 -7.94
C ASN A 372 -12.64 40.95 -8.94
N GLN B 13 -7.57 -7.56 9.39
CA GLN B 13 -6.82 -8.62 10.14
C GLN B 13 -6.11 -9.57 9.18
N LEU B 14 -4.97 -9.12 8.66
CA LEU B 14 -4.13 -9.93 7.77
C LEU B 14 -3.19 -10.78 8.64
N GLU B 15 -3.61 -12.01 8.92
CA GLU B 15 -2.88 -12.88 9.84
C GLU B 15 -1.67 -13.56 9.16
N PRO B 16 -0.63 -13.89 9.96
CA PRO B 16 0.55 -14.54 9.40
C PRO B 16 0.30 -16.02 9.18
N PRO B 17 1.13 -16.69 8.35
CA PRO B 17 0.86 -18.08 7.99
C PRO B 17 0.96 -19.04 9.16
N THR B 18 -0.09 -19.83 9.38
CA THR B 18 -0.13 -20.80 10.47
C THR B 18 -0.33 -22.21 9.92
N VAL B 19 0.51 -23.12 10.38
CA VAL B 19 0.48 -24.51 9.92
C VAL B 19 -0.34 -25.34 10.92
N VAL B 20 -1.54 -25.76 10.49
CA VAL B 20 -2.40 -26.58 11.36
C VAL B 20 -1.72 -27.89 11.75
N GLU B 21 -2.12 -28.44 12.89
CA GLU B 21 -1.47 -29.62 13.46
C GLU B 21 -1.51 -30.84 12.52
N THR B 22 -2.55 -30.95 11.71
CA THR B 22 -2.66 -32.03 10.72
C THR B 22 -1.47 -32.04 9.77
N LEU B 23 -0.99 -30.85 9.41
CA LEU B 23 0.15 -30.72 8.50
C LEU B 23 1.50 -30.80 9.22
N ARG B 24 1.53 -30.51 10.52
CA ARG B 24 2.76 -30.63 11.32
C ARG B 24 3.12 -32.09 11.56
N ARG B 25 2.19 -32.85 12.14
CA ARG B 25 2.40 -34.27 12.39
C ARG B 25 2.35 -35.07 11.09
N GLY B 26 1.43 -34.70 10.21
CA GLY B 26 1.40 -35.22 8.85
C GLY B 26 0.32 -36.22 8.57
N SER B 27 0.20 -36.59 7.29
CA SER B 27 -0.77 -37.58 6.84
C SER B 27 -0.17 -38.43 5.72
N LYS B 28 -0.67 -39.64 5.57
CA LYS B 28 -0.10 -40.62 4.65
C LYS B 28 -0.77 -40.55 3.28
N PHE B 29 -0.01 -40.16 2.27
CA PHE B 29 -0.47 -40.13 0.89
C PHE B 29 0.35 -41.13 0.09
N ILE B 30 -0.18 -41.56 -1.06
CA ILE B 30 0.64 -42.29 -2.04
C ILE B 30 0.91 -41.37 -3.24
N LYS B 31 2.16 -40.97 -3.37
CA LYS B 31 2.60 -40.07 -4.44
C LYS B 31 2.69 -40.87 -5.74
N TRP B 32 1.69 -40.71 -6.60
CA TRP B 32 1.67 -41.40 -7.90
C TRP B 32 2.12 -40.46 -9.02
N ASP B 33 2.35 -41.03 -10.20
CA ASP B 33 2.99 -40.31 -11.30
C ASP B 33 2.41 -40.73 -12.66
N GLU B 34 2.00 -39.75 -13.45
CA GLU B 34 1.47 -39.98 -14.80
C GLU B 34 2.48 -40.66 -15.72
N GLU B 35 3.74 -40.25 -15.62
CA GLU B 35 4.78 -40.66 -16.57
C GLU B 35 5.39 -42.03 -16.25
N THR B 36 6.18 -42.10 -15.18
CA THR B 36 6.91 -43.32 -14.83
C THR B 36 6.06 -44.33 -14.04
N SER B 37 4.87 -43.91 -13.60
CA SER B 37 3.95 -44.76 -12.83
C SER B 37 4.60 -45.28 -11.52
N SER B 38 5.28 -44.39 -10.82
CA SER B 38 5.95 -44.70 -9.55
C SER B 38 5.01 -44.55 -8.37
N ARG B 39 4.60 -45.68 -7.79
CA ARG B 39 3.78 -45.69 -6.58
C ARG B 39 4.69 -45.67 -5.35
N ASN B 40 4.60 -44.61 -4.55
CA ASN B 40 5.36 -44.52 -3.31
C ASN B 40 4.51 -44.01 -2.17
N LEU B 41 4.35 -44.84 -1.14
CA LEU B 41 3.66 -44.43 0.08
C LEU B 41 4.57 -43.49 0.88
N VAL B 42 4.06 -42.29 1.16
CA VAL B 42 4.84 -41.26 1.84
C VAL B 42 4.01 -40.56 2.92
N THR B 43 4.70 -39.88 3.82
CA THR B 43 4.04 -39.07 4.84
C THR B 43 4.34 -37.61 4.53
N LEU B 44 3.32 -36.89 4.07
CA LEU B 44 3.44 -35.45 3.85
C LEU B 44 3.42 -34.71 5.17
N ARG B 45 4.35 -33.76 5.30
CA ARG B 45 4.39 -32.86 6.44
C ARG B 45 4.51 -31.45 5.92
N VAL B 46 4.41 -30.50 6.84
CA VAL B 46 4.81 -29.12 6.59
C VAL B 46 5.60 -28.67 7.81
N ASP B 47 6.72 -27.99 7.60
CA ASP B 47 7.54 -27.54 8.72
C ASP B 47 6.78 -26.47 9.50
N PRO B 48 7.10 -26.30 10.81
CA PRO B 48 6.38 -25.36 11.66
C PRO B 48 6.12 -23.98 11.04
N ASN B 49 7.14 -23.41 10.39
CA ASN B 49 7.05 -22.06 9.84
C ASN B 49 6.25 -21.96 8.54
N GLY B 50 6.01 -23.10 7.89
CA GLY B 50 5.20 -23.13 6.68
C GLY B 50 5.98 -22.76 5.42
N PHE B 51 7.28 -23.08 5.42
CA PHE B 51 8.15 -22.86 4.27
C PHE B 51 8.04 -24.00 3.25
N PHE B 52 8.09 -25.24 3.72
CA PHE B 52 8.22 -26.42 2.85
C PHE B 52 7.19 -27.52 3.05
N LEU B 53 6.60 -27.96 1.95
CA LEU B 53 5.86 -29.23 1.92
C LEU B 53 6.88 -30.30 1.59
N TYR B 54 7.06 -31.26 2.49
CA TYR B 54 8.05 -32.32 2.30
C TYR B 54 7.50 -33.71 2.61
N TRP B 55 8.19 -34.72 2.10
CA TRP B 55 7.75 -36.11 2.20
C TRP B 55 8.94 -37.03 1.89
N THR B 56 9.02 -38.15 2.60
CA THR B 56 10.10 -39.11 2.38
C THR B 56 9.59 -40.20 1.43
N GLY B 57 10.27 -40.38 0.30
CA GLY B 57 9.84 -41.30 -0.76
C GLY B 57 10.78 -42.49 -0.99
N PRO B 58 11.73 -42.34 -1.93
CA PRO B 58 12.55 -43.48 -2.37
C PRO B 58 13.54 -43.99 -1.31
N ASN B 59 13.30 -45.20 -0.82
CA ASN B 59 14.10 -45.82 0.24
C ASN B 59 14.08 -45.00 1.54
N MET B 60 14.75 -43.84 1.55
CA MET B 60 14.71 -42.92 2.69
C MET B 60 15.20 -41.48 2.37
N GLU B 61 15.11 -41.06 1.11
CA GLU B 61 15.61 -39.73 0.71
C GLU B 61 14.48 -38.70 0.67
N VAL B 62 14.75 -37.53 1.26
CA VAL B 62 13.73 -36.51 1.52
C VAL B 62 13.57 -35.53 0.36
N ASP B 63 12.37 -35.46 -0.18
CA ASP B 63 11.99 -34.45 -1.18
C ASP B 63 11.29 -33.27 -0.51
N THR B 64 11.57 -32.06 -1.01
CA THR B 64 10.93 -30.85 -0.51
C THR B 64 10.33 -30.06 -1.67
N LEU B 65 9.13 -29.52 -1.46
CA LEU B 65 8.56 -28.54 -2.36
C LEU B 65 8.55 -27.19 -1.66
N ASP B 66 9.04 -26.16 -2.33
CA ASP B 66 9.11 -24.82 -1.77
C ASP B 66 7.74 -24.14 -1.93
N ILE B 67 7.04 -23.95 -0.82
CA ILE B 67 5.64 -23.49 -0.85
C ILE B 67 5.47 -22.16 -1.59
N SER B 68 6.47 -21.29 -1.49
CA SER B 68 6.48 -20.03 -2.24
C SER B 68 6.38 -20.26 -3.76
N SER B 69 6.82 -21.42 -4.22
CA SER B 69 6.73 -21.79 -5.64
C SER B 69 5.41 -22.44 -6.03
N ILE B 70 4.56 -22.75 -5.05
CA ILE B 70 3.24 -23.33 -5.32
C ILE B 70 2.33 -22.31 -6.00
N ARG B 71 1.75 -22.70 -7.14
CA ARG B 71 0.85 -21.84 -7.90
C ARG B 71 -0.61 -22.20 -7.70
N ASP B 72 -0.90 -23.48 -7.44
CA ASP B 72 -2.27 -23.92 -7.14
C ASP B 72 -2.29 -25.27 -6.43
N THR B 73 -3.36 -25.52 -5.69
CA THR B 73 -3.65 -26.83 -5.12
C THR B 73 -5.05 -27.24 -5.55
N ARG B 74 -5.18 -28.48 -6.04
CA ARG B 74 -6.44 -28.97 -6.58
C ARG B 74 -6.87 -30.27 -5.92
N THR B 75 -8.16 -30.39 -5.68
CA THR B 75 -8.75 -31.58 -5.06
C THR B 75 -10.09 -31.90 -5.72
N GLY B 76 -10.56 -33.13 -5.53
CA GLY B 76 -11.86 -33.56 -6.05
C GLY B 76 -11.88 -33.68 -7.57
N ARG B 77 -12.85 -33.01 -8.18
CA ARG B 77 -12.96 -32.97 -9.65
C ARG B 77 -11.71 -32.40 -10.28
N TYR B 78 -11.18 -31.35 -9.66
CA TYR B 78 -10.08 -30.57 -10.23
C TYR B 78 -8.71 -31.22 -10.06
N ALA B 79 -8.62 -32.23 -9.19
CA ALA B 79 -7.41 -33.03 -9.08
C ALA B 79 -7.21 -33.79 -10.38
N ARG B 80 -5.99 -33.82 -10.88
CA ARG B 80 -5.68 -34.54 -12.11
C ARG B 80 -5.93 -36.02 -11.87
N LEU B 81 -6.68 -36.64 -12.79
CA LEU B 81 -7.08 -38.05 -12.65
C LEU B 81 -6.09 -38.95 -13.40
N PRO B 82 -5.81 -40.15 -12.84
CA PRO B 82 -4.86 -41.08 -13.46
C PRO B 82 -5.40 -41.73 -14.72
N LYS B 83 -4.79 -41.42 -15.86
CA LYS B 83 -5.25 -41.89 -17.16
C LYS B 83 -4.84 -43.36 -17.35
N ASP B 84 -3.60 -43.66 -16.99
CA ASP B 84 -3.06 -45.02 -17.03
C ASP B 84 -3.92 -45.98 -16.19
N PRO B 85 -4.46 -47.04 -16.82
CA PRO B 85 -5.30 -48.00 -16.08
C PRO B 85 -4.50 -48.96 -15.19
N LYS B 86 -3.19 -49.07 -15.42
CA LYS B 86 -2.32 -49.92 -14.59
C LYS B 86 -2.17 -49.33 -13.19
N ILE B 87 -1.89 -48.03 -13.12
CA ILE B 87 -1.89 -47.29 -11.86
C ILE B 87 -3.29 -47.31 -11.25
N ARG B 88 -4.29 -46.96 -12.04
CA ARG B 88 -5.69 -46.93 -11.57
C ARG B 88 -6.19 -48.29 -11.09
N GLU B 89 -5.53 -49.37 -11.53
CA GLU B 89 -5.78 -50.71 -10.98
C GLU B 89 -5.30 -50.77 -9.53
N VAL B 90 -4.11 -50.23 -9.28
CA VAL B 90 -3.54 -50.18 -7.92
C VAL B 90 -4.34 -49.26 -6.99
N LEU B 91 -4.97 -48.24 -7.56
CA LEU B 91 -5.73 -47.25 -6.78
C LEU B 91 -7.18 -47.70 -6.56
N GLY B 92 -7.92 -47.88 -7.66
CA GLY B 92 -9.32 -48.31 -7.60
C GLY B 92 -10.20 -47.55 -8.56
N ASP B 97 -15.90 -44.07 -7.80
CA ASP B 97 -16.04 -42.97 -8.74
C ASP B 97 -16.02 -41.62 -8.02
N ALA B 98 -17.01 -41.41 -7.15
CA ALA B 98 -17.14 -40.15 -6.41
C ALA B 98 -16.21 -40.12 -5.20
N ARG B 99 -16.43 -41.07 -4.28
CA ARG B 99 -15.63 -41.13 -3.05
C ARG B 99 -14.18 -41.55 -3.29
N LEU B 100 -13.91 -42.18 -4.42
CA LEU B 100 -12.54 -42.44 -4.86
C LEU B 100 -11.84 -41.11 -5.16
N GLU B 101 -12.50 -40.27 -5.96
CA GLU B 101 -11.93 -38.98 -6.36
C GLU B 101 -11.93 -37.92 -5.25
N GLU B 102 -12.69 -38.18 -4.18
CA GLU B 102 -12.76 -37.28 -3.02
C GLU B 102 -11.42 -37.11 -2.30
N LYS B 103 -10.56 -38.13 -2.38
CA LYS B 103 -9.29 -38.12 -1.67
C LYS B 103 -8.07 -38.03 -2.61
N LEU B 104 -8.19 -37.15 -3.61
CA LEU B 104 -7.09 -36.83 -4.51
C LEU B 104 -6.60 -35.40 -4.25
N MET B 105 -5.30 -35.18 -4.36
CA MET B 105 -4.73 -33.84 -4.26
C MET B 105 -3.61 -33.65 -5.28
N THR B 106 -3.78 -32.63 -6.12
CA THR B 106 -2.78 -32.27 -7.11
C THR B 106 -2.22 -30.91 -6.71
N VAL B 107 -0.89 -30.87 -6.49
CA VAL B 107 -0.19 -29.62 -6.21
C VAL B 107 0.49 -29.15 -7.48
N VAL B 108 0.21 -27.92 -7.89
CA VAL B 108 0.86 -27.30 -9.04
C VAL B 108 1.89 -26.29 -8.55
N SER B 109 3.12 -26.40 -9.02
CA SER B 109 4.16 -25.44 -8.67
C SER B 109 5.12 -25.25 -9.84
N GLY B 110 5.63 -24.02 -9.97
CA GLY B 110 6.59 -23.72 -11.04
C GLY B 110 7.00 -22.25 -11.05
N PRO B 111 8.14 -21.94 -11.68
CA PRO B 111 8.68 -20.57 -11.71
C PRO B 111 7.95 -19.59 -12.63
N ASP B 112 7.02 -20.08 -13.44
CA ASP B 112 6.24 -19.20 -14.32
C ASP B 112 4.97 -19.94 -14.75
N PRO B 113 4.01 -19.22 -15.36
CA PRO B 113 2.77 -19.88 -15.78
C PRO B 113 2.97 -21.06 -16.74
N VAL B 114 3.97 -20.98 -17.61
CA VAL B 114 4.17 -21.98 -18.65
C VAL B 114 4.82 -23.25 -18.11
N ASN B 115 5.95 -23.08 -17.43
CA ASN B 115 6.75 -24.20 -16.93
C ASN B 115 6.35 -24.65 -15.52
N THR B 116 5.30 -25.47 -15.45
CA THR B 116 4.78 -25.95 -14.16
C THR B 116 4.77 -27.46 -14.11
N VAL B 117 5.13 -28.01 -12.96
CA VAL B 117 5.10 -29.45 -12.75
C VAL B 117 3.93 -29.81 -11.83
N PHE B 118 3.36 -30.99 -12.03
CA PHE B 118 2.24 -31.47 -11.22
C PHE B 118 2.69 -32.60 -10.31
N LEU B 119 2.36 -32.49 -9.04
CA LEU B 119 2.67 -33.51 -8.04
C LEU B 119 1.36 -34.08 -7.52
N ASN B 120 0.95 -35.21 -8.08
CA ASN B 120 -0.29 -35.87 -7.67
C ASN B 120 -0.09 -36.77 -6.45
N PHE B 121 -0.89 -36.53 -5.42
CA PHE B 121 -0.95 -37.40 -4.25
C PHE B 121 -2.34 -37.97 -4.13
N MET B 122 -2.47 -39.04 -3.36
CA MET B 122 -3.78 -39.53 -2.93
C MET B 122 -3.69 -39.98 -1.48
N ALA B 123 -4.60 -39.46 -0.66
CA ALA B 123 -4.67 -39.84 0.74
C ALA B 123 -5.29 -41.22 0.87
N VAL B 124 -4.91 -41.93 1.92
CA VAL B 124 -5.56 -43.20 2.27
C VAL B 124 -6.86 -42.93 3.03
N GLN B 125 -6.85 -41.86 3.83
CA GLN B 125 -7.99 -41.52 4.70
C GLN B 125 -9.07 -40.70 3.96
N ASP B 126 -10.22 -40.56 4.62
CA ASP B 126 -11.41 -39.95 4.01
C ASP B 126 -11.49 -38.45 4.26
N ASP B 127 -11.85 -37.71 3.21
CA ASP B 127 -12.00 -36.25 3.27
C ASP B 127 -10.75 -35.58 3.85
N THR B 128 -9.59 -36.16 3.56
CA THR B 128 -8.31 -35.67 4.09
C THR B 128 -7.67 -34.72 3.10
N ALA B 129 -7.74 -35.07 1.81
CA ALA B 129 -7.19 -34.24 0.74
C ALA B 129 -7.72 -32.80 0.78
N LYS B 130 -8.98 -32.63 1.18
CA LYS B 130 -9.59 -31.31 1.21
C LYS B 130 -9.00 -30.38 2.27
N VAL B 131 -8.51 -30.94 3.37
CA VAL B 131 -7.84 -30.14 4.40
C VAL B 131 -6.44 -29.72 3.94
N TRP B 132 -5.68 -30.67 3.38
CA TRP B 132 -4.34 -30.37 2.88
C TRP B 132 -4.38 -29.37 1.74
N SER B 133 -5.19 -29.66 0.72
CA SER B 133 -5.32 -28.79 -0.44
C SER B 133 -5.65 -27.35 -0.06
N GLU B 134 -6.66 -27.17 0.79
CA GLU B 134 -7.11 -25.85 1.22
C GLU B 134 -6.07 -25.13 2.07
N GLU B 135 -5.39 -25.88 2.94
CA GLU B 135 -4.38 -25.30 3.83
C GLU B 135 -3.08 -25.01 3.10
N LEU B 136 -2.67 -25.90 2.20
CA LEU B 136 -1.51 -25.65 1.32
C LEU B 136 -1.70 -24.39 0.50
N PHE B 137 -2.93 -24.15 0.05
CA PHE B 137 -3.26 -22.95 -0.72
C PHE B 137 -3.16 -21.70 0.15
N LYS B 138 -3.75 -21.76 1.33
CA LYS B 138 -3.68 -20.65 2.30
C LYS B 138 -2.23 -20.23 2.55
N LEU B 139 -1.35 -21.21 2.75
CA LEU B 139 0.07 -20.94 2.95
C LEU B 139 0.73 -20.42 1.67
N ALA B 140 0.40 -21.04 0.54
CA ALA B 140 1.03 -20.70 -0.74
C ALA B 140 0.67 -19.30 -1.23
N MET B 141 -0.50 -18.80 -0.83
CA MET B 141 -0.95 -17.47 -1.23
C MET B 141 -0.88 -16.45 -0.09
N ASN B 142 -0.22 -16.81 0.99
CA ASN B 142 -0.07 -15.91 2.14
C ASN B 142 0.86 -14.75 1.81
N ILE B 143 0.48 -13.56 2.27
CA ILE B 143 1.15 -12.31 1.87
C ILE B 143 2.39 -12.01 2.72
N LEU B 144 2.28 -12.17 4.04
CA LEU B 144 3.44 -12.00 4.94
C LEU B 144 4.56 -12.99 4.60
N ALA B 145 4.20 -14.18 4.15
CA ALA B 145 5.17 -15.21 3.74
C ALA B 145 5.94 -14.78 2.51
N GLN B 146 5.24 -14.17 1.55
CA GLN B 146 5.89 -13.65 0.36
C GLN B 146 6.71 -12.38 0.66
N ASN B 147 6.21 -11.56 1.58
CA ASN B 147 6.93 -10.34 1.98
C ASN B 147 7.63 -10.51 3.33
N ALA B 148 8.17 -11.71 3.56
CA ALA B 148 8.87 -12.01 4.81
C ALA B 148 10.09 -11.13 5.01
N SER B 149 10.53 -11.01 6.25
CA SER B 149 11.74 -10.24 6.56
C SER B 149 12.97 -10.96 6.03
N ARG B 150 14.10 -10.27 5.99
CA ARG B 150 15.34 -10.88 5.52
C ARG B 150 15.71 -12.06 6.41
N ASN B 151 15.58 -11.87 7.73
CA ASN B 151 15.89 -12.92 8.70
C ASN B 151 15.04 -14.18 8.51
N THR B 152 13.79 -13.99 8.12
CA THR B 152 12.89 -15.10 7.87
C THR B 152 13.33 -15.92 6.66
N PHE B 153 13.80 -15.25 5.62
CA PHE B 153 14.34 -15.95 4.46
C PHE B 153 15.63 -16.68 4.82
N LEU B 154 16.43 -16.11 5.71
CA LEU B 154 17.60 -16.80 6.23
C LEU B 154 17.18 -18.03 7.05
N ARG B 155 16.15 -17.87 7.88
CA ARG B 155 15.59 -18.99 8.65
C ARG B 155 14.94 -20.06 7.77
N LYS B 156 14.50 -19.66 6.58
CA LYS B 156 13.98 -20.61 5.59
C LYS B 156 15.08 -21.50 5.02
N ALA B 157 16.27 -20.93 4.84
CA ALA B 157 17.42 -21.70 4.37
C ALA B 157 17.89 -22.67 5.45
N TYR B 158 17.90 -22.22 6.71
CA TYR B 158 18.22 -23.08 7.83
C TYR B 158 17.31 -24.30 7.89
N THR B 159 16.02 -24.09 7.65
CA THR B 159 15.03 -25.15 7.61
C THR B 159 15.32 -26.16 6.51
N LYS B 160 15.57 -25.66 5.29
CA LYS B 160 15.85 -26.54 4.15
C LYS B 160 17.00 -27.51 4.43
N LEU B 161 18.07 -26.99 5.04
CA LEU B 161 19.21 -27.82 5.42
C LEU B 161 18.79 -28.88 6.43
N LYS B 162 18.07 -28.45 7.46
CA LYS B 162 17.61 -29.36 8.51
C LYS B 162 16.55 -30.35 8.02
N LEU B 163 15.85 -30.02 6.94
CA LEU B 163 14.91 -30.98 6.34
C LEU B 163 15.64 -32.02 5.50
N GLN B 164 16.23 -31.59 4.38
CA GLN B 164 16.87 -32.53 3.44
C GLN B 164 18.07 -33.18 4.06
N VAL B 165 17.83 -34.35 4.66
CA VAL B 165 18.86 -35.14 5.31
C VAL B 165 19.02 -36.48 4.61
N ASN B 166 20.15 -37.12 4.84
CA ASN B 166 20.44 -38.45 4.33
C ASN B 166 19.49 -39.50 4.92
N GLN B 167 19.66 -40.75 4.52
CA GLN B 167 18.79 -41.83 5.00
C GLN B 167 18.90 -42.12 6.50
N ASP B 168 20.03 -41.73 7.12
CA ASP B 168 20.19 -41.87 8.56
C ASP B 168 20.00 -40.54 9.32
N GLY B 169 19.21 -39.63 8.74
CA GLY B 169 18.72 -38.46 9.47
C GLY B 169 19.64 -37.26 9.63
N ARG B 170 20.90 -37.39 9.22
CA ARG B 170 21.90 -36.34 9.44
C ARG B 170 21.96 -35.32 8.30
N ILE B 171 22.44 -34.13 8.62
CA ILE B 171 22.59 -33.06 7.64
C ILE B 171 23.94 -33.21 6.96
N PRO B 172 23.97 -33.63 5.69
CA PRO B 172 25.26 -33.80 5.03
C PRO B 172 25.91 -32.47 4.72
N VAL B 173 27.24 -32.41 4.86
CA VAL B 173 27.98 -31.17 4.64
C VAL B 173 27.85 -30.71 3.19
N LYS B 174 27.88 -31.65 2.25
CA LYS B 174 27.83 -31.33 0.81
C LYS B 174 26.59 -30.53 0.35
N ASN B 175 25.54 -30.48 1.17
CA ASN B 175 24.39 -29.61 0.90
C ASN B 175 24.64 -28.19 1.39
N ILE B 176 25.36 -28.06 2.49
CA ILE B 176 25.83 -26.76 2.96
C ILE B 176 26.82 -26.18 1.95
N LEU B 177 27.55 -27.06 1.26
CA LEU B 177 28.43 -26.65 0.17
C LEU B 177 27.64 -26.31 -1.09
N LYS B 178 26.54 -27.03 -1.35
CA LYS B 178 25.67 -26.75 -2.51
C LYS B 178 24.95 -25.40 -2.38
N MET B 179 24.40 -25.17 -1.19
CA MET B 179 23.71 -23.93 -0.87
C MET B 179 24.62 -22.71 -1.02
N PHE B 180 25.85 -22.83 -0.53
CA PHE B 180 26.84 -21.76 -0.57
C PHE B 180 28.03 -22.20 -1.42
N SER B 181 27.78 -22.47 -2.70
CA SER B 181 28.79 -23.04 -3.60
C SER B 181 29.77 -22.02 -4.20
N ALA B 182 29.56 -20.73 -3.93
CA ALA B 182 30.40 -19.67 -4.49
C ALA B 182 31.88 -19.89 -4.18
N ASP B 183 32.22 -19.82 -2.89
CA ASP B 183 33.60 -19.97 -2.44
C ASP B 183 33.62 -21.09 -1.39
N LYS B 184 33.77 -22.31 -1.86
CA LYS B 184 33.71 -23.49 -0.99
C LYS B 184 34.85 -23.56 0.01
N LYS B 185 36.01 -22.99 -0.32
CA LYS B 185 37.13 -22.92 0.62
C LYS B 185 36.81 -22.02 1.81
N ARG B 186 35.97 -21.00 1.58
CA ARG B 186 35.52 -20.12 2.65
C ARG B 186 34.47 -20.81 3.53
N VAL B 187 33.56 -21.55 2.90
CA VAL B 187 32.51 -22.29 3.63
C VAL B 187 33.13 -23.38 4.52
N GLU B 188 34.24 -23.96 4.09
CA GLU B 188 34.96 -24.94 4.91
C GLU B 188 35.57 -24.30 6.15
N THR B 189 36.27 -23.18 5.94
CA THR B 189 36.88 -22.44 7.05
C THR B 189 35.83 -21.78 7.95
N ALA B 190 34.67 -21.48 7.39
CA ALA B 190 33.55 -20.97 8.17
C ALA B 190 33.05 -22.05 9.14
N LEU B 191 32.91 -23.28 8.63
CA LEU B 191 32.39 -24.38 9.42
C LEU B 191 33.36 -24.88 10.50
N GLU B 192 34.67 -24.80 10.25
CA GLU B 192 35.67 -25.22 11.24
C GLU B 192 35.72 -24.27 12.43
N SER B 193 35.55 -22.98 12.19
CA SER B 193 35.59 -21.99 13.25
C SER B 193 34.40 -22.10 14.21
N CYS B 194 33.26 -22.58 13.71
CA CYS B 194 32.09 -22.86 14.54
C CYS B 194 32.26 -24.10 15.41
N GLY B 195 33.12 -25.02 14.98
CA GLY B 195 33.27 -26.32 15.63
C GLY B 195 32.46 -27.41 14.94
N LEU B 196 31.91 -27.10 13.78
CA LEU B 196 31.17 -28.07 12.97
C LEU B 196 32.12 -28.89 12.10
N LYS B 197 31.58 -29.94 11.49
CA LYS B 197 32.34 -30.75 10.54
C LYS B 197 32.45 -30.01 9.20
N PHE B 198 33.61 -30.13 8.56
CA PHE B 198 33.92 -29.36 7.35
C PHE B 198 34.41 -30.21 6.17
N ASN B 199 34.31 -31.54 6.27
CA ASN B 199 34.66 -32.42 5.15
C ASN B 199 33.43 -32.67 4.29
N ARG B 200 33.64 -32.85 2.99
CA ARG B 200 32.56 -33.04 2.02
C ARG B 200 31.95 -34.45 2.11
N SER B 201 32.72 -35.40 2.64
CA SER B 201 32.31 -36.80 2.74
C SER B 201 31.47 -37.14 3.97
N GLU B 202 31.41 -36.23 4.95
CA GLU B 202 30.75 -36.52 6.23
C GLU B 202 29.51 -35.65 6.45
N SER B 203 28.79 -35.92 7.53
CA SER B 203 27.51 -35.26 7.82
C SER B 203 27.45 -34.71 9.25
N ILE B 204 26.38 -33.99 9.55
CA ILE B 204 26.21 -33.31 10.84
C ILE B 204 24.91 -33.73 11.51
N ARG B 205 24.97 -33.98 12.82
CA ARG B 205 23.79 -34.32 13.59
C ARG B 205 22.83 -33.14 13.65
N PRO B 206 21.53 -33.36 13.39
CA PRO B 206 20.60 -32.23 13.50
C PRO B 206 20.68 -31.61 14.90
N ASP B 207 20.75 -32.47 15.91
CA ASP B 207 21.11 -32.12 17.28
C ASP B 207 22.12 -30.97 17.37
N GLU B 208 23.26 -31.13 16.72
CA GLU B 208 24.39 -30.21 16.85
C GLU B 208 24.24 -28.94 16.00
N PHE B 209 23.38 -29.00 14.98
CA PHE B 209 23.18 -27.91 14.03
C PHE B 209 22.05 -26.96 14.49
N SER B 210 22.35 -26.17 15.50
CA SER B 210 21.40 -25.22 16.07
C SER B 210 21.22 -24.03 15.13
N LEU B 211 20.05 -23.37 15.22
CA LEU B 211 19.83 -22.13 14.48
C LEU B 211 20.82 -21.06 14.94
N GLU B 212 21.11 -21.05 16.23
CA GLU B 212 22.09 -20.12 16.80
C GLU B 212 23.48 -20.36 16.22
N ILE B 213 23.80 -21.63 15.98
CA ILE B 213 25.08 -22.01 15.38
C ILE B 213 25.09 -21.75 13.88
N PHE B 214 23.95 -21.96 13.21
CA PHE B 214 23.83 -21.60 11.79
C PHE B 214 23.90 -20.10 11.62
N GLU B 215 23.36 -19.37 12.59
CA GLU B 215 23.42 -17.91 12.61
C GLU B 215 24.87 -17.43 12.72
N ARG B 216 25.68 -18.15 13.51
CA ARG B 216 27.09 -17.82 13.66
C ARG B 216 27.90 -18.22 12.43
N PHE B 217 27.50 -19.32 11.79
CA PHE B 217 28.13 -19.76 10.53
C PHE B 217 27.99 -18.70 9.46
N LEU B 218 26.78 -18.15 9.32
CA LEU B 218 26.53 -17.06 8.37
C LEU B 218 27.45 -15.88 8.64
N ASN B 219 27.57 -15.48 9.90
CA ASN B 219 28.43 -14.35 10.29
C ASN B 219 29.86 -14.53 9.83
N LYS B 220 30.47 -15.63 10.23
CA LYS B 220 31.88 -15.89 9.93
C LYS B 220 32.10 -16.15 8.44
N LEU B 221 31.06 -16.61 7.76
CA LEU B 221 31.11 -16.82 6.31
C LEU B 221 31.23 -15.49 5.55
N CYS B 222 30.38 -14.52 5.90
CA CYS B 222 30.32 -13.26 5.17
C CYS B 222 30.52 -12.06 6.09
N LEU B 223 31.69 -11.43 6.00
CA LEU B 223 31.97 -10.20 6.74
C LEU B 223 31.04 -9.09 6.27
N ARG B 224 30.62 -8.24 7.20
CA ARG B 224 29.78 -7.10 6.88
C ARG B 224 30.54 -5.81 7.17
N PRO B 225 31.49 -5.44 6.29
CA PRO B 225 32.17 -4.15 6.45
C PRO B 225 31.24 -2.97 6.14
N ASP B 226 30.22 -3.21 5.34
CA ASP B 226 29.17 -2.24 5.08
C ASP B 226 28.37 -1.89 6.34
N ILE B 227 28.01 -2.91 7.12
CA ILE B 227 27.26 -2.69 8.35
C ILE B 227 28.17 -2.06 9.42
N ASP B 228 29.47 -2.36 9.37
CA ASP B 228 30.43 -1.70 10.23
C ASP B 228 30.49 -0.22 9.88
N LYS B 229 30.56 0.09 8.59
CA LYS B 229 30.54 1.46 8.09
C LYS B 229 29.30 2.21 8.57
N ILE B 230 28.14 1.56 8.46
CA ILE B 230 26.85 2.17 8.85
C ILE B 230 26.79 2.46 10.34
N LEU B 231 27.45 1.63 11.15
CA LEU B 231 27.50 1.83 12.59
C LEU B 231 28.37 3.02 12.98
N LEU B 232 29.52 3.15 12.33
CA LEU B 232 30.38 4.35 12.52
C LEU B 232 29.62 5.61 12.12
N GLU B 233 29.01 5.58 10.93
CA GLU B 233 28.21 6.68 10.42
C GLU B 233 27.24 7.23 11.46
N ILE B 234 26.45 6.35 12.04
CA ILE B 234 25.36 6.74 12.93
C ILE B 234 25.86 7.52 14.14
N GLY B 235 26.96 7.08 14.75
CA GLY B 235 27.52 7.79 15.89
C GLY B 235 28.63 7.09 16.62
N ALA B 236 28.44 5.79 16.89
CA ALA B 236 29.35 5.03 17.74
C ALA B 236 30.79 4.98 17.23
N LYS B 237 31.61 5.92 17.72
CA LYS B 237 33.06 5.88 17.49
C LYS B 237 33.66 4.74 18.31
N GLY B 238 33.14 4.58 19.53
CA GLY B 238 33.27 3.33 20.26
C GLY B 238 32.21 2.40 19.73
N LYS B 239 32.57 1.63 18.69
CA LYS B 239 31.59 0.94 17.83
C LYS B 239 30.88 -0.32 18.39
N PRO B 240 31.54 -1.08 19.29
CA PRO B 240 30.91 -2.37 19.67
C PRO B 240 29.66 -2.26 20.56
N TYR B 241 29.26 -1.05 20.91
CA TYR B 241 28.04 -0.81 21.69
C TYR B 241 27.21 0.31 21.05
N LEU B 242 25.95 0.42 21.47
CA LEU B 242 25.04 1.43 20.95
C LEU B 242 23.93 1.67 21.97
N THR B 243 23.68 2.93 22.32
CA THR B 243 22.64 3.24 23.32
C THR B 243 21.25 3.07 22.73
N LEU B 244 20.24 3.03 23.61
CA LEU B 244 18.86 2.91 23.20
C LEU B 244 18.43 4.14 22.40
N GLU B 245 18.77 5.31 22.93
CA GLU B 245 18.39 6.57 22.29
C GLU B 245 19.05 6.72 20.91
N GLN B 246 20.31 6.30 20.79
CA GLN B 246 20.99 6.31 19.50
C GLN B 246 20.18 5.56 18.45
N LEU B 247 19.80 4.32 18.78
CA LEU B 247 18.96 3.50 17.91
C LEU B 247 17.65 4.22 17.58
N MET B 248 17.04 4.81 18.60
CA MET B 248 15.78 5.54 18.45
C MET B 248 15.92 6.73 17.50
N ASP B 249 16.98 7.51 17.69
CA ASP B 249 17.26 8.66 16.82
C ASP B 249 17.56 8.22 15.39
N PHE B 250 18.30 7.14 15.24
CA PHE B 250 18.56 6.54 13.92
C PHE B 250 17.26 6.10 13.26
N ILE B 251 16.42 5.37 14.00
CA ILE B 251 15.15 4.88 13.48
C ILE B 251 14.20 6.02 13.12
N ASN B 252 14.12 7.02 14.00
CA ASN B 252 13.21 8.15 13.80
C ASN B 252 13.67 9.12 12.72
N GLN B 253 14.98 9.37 12.66
CA GLN B 253 15.52 10.33 11.73
C GLN B 253 15.84 9.69 10.37
N LYS B 254 16.63 8.61 10.38
CA LYS B 254 17.08 8.00 9.12
C LYS B 254 16.17 6.91 8.53
N GLN B 255 15.54 6.09 9.37
CA GLN B 255 14.74 4.95 8.90
C GLN B 255 13.25 5.25 8.76
N ARG B 256 12.87 6.51 8.96
CA ARG B 256 11.48 6.91 8.96
C ARG B 256 11.15 7.58 7.63
N ASP B 257 9.99 7.27 7.07
CA ASP B 257 9.51 7.91 5.84
C ASP B 257 9.01 9.32 6.14
N PRO B 258 9.70 10.36 5.61
CA PRO B 258 9.41 11.73 6.01
C PRO B 258 8.16 12.33 5.39
N ARG B 259 7.57 11.65 4.41
CA ARG B 259 6.32 12.09 3.81
C ARG B 259 5.11 11.85 4.72
N LEU B 260 5.32 11.21 5.87
CA LEU B 260 4.22 10.78 6.74
C LEU B 260 3.98 11.71 7.93
N ASN B 261 2.73 11.74 8.37
CA ASN B 261 2.29 12.57 9.48
C ASN B 261 2.88 12.05 10.81
N GLU B 262 3.23 12.97 11.72
CA GLU B 262 3.76 12.62 13.05
C GLU B 262 2.66 12.23 14.04
N VAL B 263 1.41 12.35 13.63
CA VAL B 263 0.28 11.97 14.48
C VAL B 263 -0.30 10.64 14.01
N LEU B 264 -0.56 10.51 12.71
CA LEU B 264 -1.02 9.23 12.12
C LEU B 264 0.02 8.14 12.18
N TYR B 265 1.29 8.52 12.04
CA TYR B 265 2.41 7.58 12.07
C TYR B 265 3.44 8.12 13.04
N PRO B 266 3.23 7.86 14.34
CA PRO B 266 4.05 8.51 15.34
C PRO B 266 5.49 8.06 15.28
N PRO B 267 6.40 8.85 15.85
CA PRO B 267 7.77 8.38 16.00
C PRO B 267 7.88 7.28 17.05
N LEU B 268 9.06 6.70 17.16
CA LEU B 268 9.31 5.63 18.11
C LEU B 268 9.53 6.22 19.49
N ARG B 269 8.82 5.67 20.48
CA ARG B 269 9.05 6.01 21.89
C ARG B 269 10.20 5.13 22.39
N PRO B 270 10.89 5.54 23.48
CA PRO B 270 11.97 4.70 24.01
C PRO B 270 11.51 3.31 24.48
N SER B 271 10.27 3.21 24.98
CA SER B 271 9.72 1.92 25.40
C SER B 271 9.59 0.96 24.22
N GLN B 272 9.27 1.48 23.04
CA GLN B 272 9.16 0.69 21.83
C GLN B 272 10.54 0.25 21.33
N ALA B 273 11.52 1.13 21.47
CA ALA B 273 12.90 0.81 21.12
C ALA B 273 13.50 -0.25 22.04
N ARG B 274 13.08 -0.24 23.32
CA ARG B 274 13.48 -1.27 24.28
C ARG B 274 13.03 -2.66 23.80
N LEU B 275 11.78 -2.74 23.36
CA LEU B 275 11.23 -4.00 22.88
C LEU B 275 11.96 -4.53 21.64
N LEU B 276 12.56 -3.63 20.85
CA LEU B 276 13.38 -4.03 19.72
C LEU B 276 14.72 -4.61 20.17
N ILE B 277 15.30 -4.08 21.24
CA ILE B 277 16.53 -4.64 21.78
C ILE B 277 16.28 -6.08 22.27
N GLU B 278 15.23 -6.25 23.06
CA GLU B 278 14.86 -7.55 23.61
C GLU B 278 14.55 -8.56 22.52
N LYS B 279 14.00 -8.07 21.42
CA LYS B 279 13.65 -8.92 20.28
C LYS B 279 14.88 -9.43 19.53
N TYR B 280 15.95 -8.62 19.49
CA TYR B 280 17.08 -8.88 18.59
C TYR B 280 18.44 -9.13 19.26
N GLU B 281 18.84 -8.26 20.18
CA GLU B 281 20.19 -8.36 20.77
C GLU B 281 20.41 -9.70 21.47
N PRO B 282 21.43 -10.47 21.01
CA PRO B 282 21.74 -11.74 21.69
C PRO B 282 22.44 -11.56 23.04
N ASN B 283 23.45 -10.70 23.07
CA ASN B 283 24.26 -10.52 24.27
C ASN B 283 23.42 -10.01 25.43
N GLN B 284 23.44 -10.75 26.55
CA GLN B 284 22.67 -10.39 27.74
C GLN B 284 23.34 -9.28 28.55
N GLN B 285 24.63 -9.05 28.31
CA GLN B 285 25.36 -7.95 28.94
C GLN B 285 24.97 -6.60 28.34
N PHE B 286 24.73 -6.58 27.02
CA PHE B 286 24.22 -5.38 26.35
C PHE B 286 22.74 -5.18 26.69
N LEU B 287 21.95 -6.25 26.55
CA LEU B 287 20.50 -6.21 26.79
C LEU B 287 20.13 -5.70 28.18
N GLU B 288 20.90 -6.08 29.21
CA GLU B 288 20.62 -5.64 30.59
C GLU B 288 20.80 -4.12 30.76
N ARG B 289 21.69 -3.52 29.96
CA ARG B 289 21.93 -2.07 30.01
C ARG B 289 21.14 -1.29 28.95
N ASP B 290 20.20 -1.95 28.28
CA ASP B 290 19.47 -1.36 27.13
C ASP B 290 20.42 -0.83 26.05
N GLN B 291 21.19 -1.74 25.47
CA GLN B 291 22.14 -1.41 24.41
C GLN B 291 22.13 -2.51 23.34
N MET B 292 22.69 -2.20 22.17
CA MET B 292 22.68 -3.12 21.04
C MET B 292 24.07 -3.25 20.42
N SER B 293 24.35 -4.41 19.84
CA SER B 293 25.63 -4.72 19.22
C SER B 293 25.47 -4.80 17.72
N MET B 294 26.58 -5.00 17.01
CA MET B 294 26.53 -5.22 15.57
C MET B 294 25.59 -6.36 15.27
N GLU B 295 25.69 -7.44 16.05
CA GLU B 295 24.89 -8.64 15.84
C GLU B 295 23.41 -8.33 15.94
N GLY B 296 23.01 -7.68 17.04
CA GLY B 296 21.63 -7.27 17.25
C GLY B 296 21.16 -6.26 16.21
N PHE B 297 22.06 -5.34 15.84
CA PHE B 297 21.74 -4.33 14.84
C PHE B 297 21.55 -4.98 13.48
N SER B 298 22.49 -5.83 13.10
CA SER B 298 22.41 -6.58 11.85
C SER B 298 21.14 -7.42 11.80
N ARG B 299 20.76 -7.99 12.94
CA ARG B 299 19.50 -8.73 13.07
C ARG B 299 18.31 -7.82 12.84
N TYR B 300 18.34 -6.62 13.41
CA TYR B 300 17.26 -5.66 13.23
C TYR B 300 17.15 -5.17 11.78
N LEU B 301 18.27 -4.86 11.16
CA LEU B 301 18.27 -4.37 9.78
C LEU B 301 17.43 -5.24 8.88
N GLY B 302 17.56 -6.56 9.06
CA GLY B 302 16.77 -7.54 8.32
C GLY B 302 15.61 -8.07 9.12
N GLY B 303 15.03 -7.21 9.95
CA GLY B 303 13.96 -7.58 10.88
C GLY B 303 12.58 -7.40 10.29
N GLU B 304 11.58 -7.78 11.08
CA GLU B 304 10.19 -7.75 10.65
C GLU B 304 9.65 -6.33 10.62
N GLU B 305 10.25 -5.45 11.42
CA GLU B 305 9.82 -4.04 11.49
C GLU B 305 10.46 -3.20 10.39
N ASN B 306 11.70 -3.54 10.03
CA ASN B 306 12.51 -2.72 9.12
C ASN B 306 12.44 -3.15 7.67
N GLY B 307 11.24 -3.43 7.17
CA GLY B 307 11.05 -3.75 5.76
C GLY B 307 11.21 -2.52 4.89
N ILE B 308 11.40 -2.74 3.58
CA ILE B 308 11.39 -1.64 2.61
C ILE B 308 9.97 -1.11 2.40
N LEU B 309 8.96 -1.96 2.58
CA LEU B 309 7.56 -1.55 2.43
C LEU B 309 6.77 -1.63 3.74
N PRO B 310 5.76 -0.75 3.89
CA PRO B 310 4.80 -0.89 4.96
C PRO B 310 3.66 -1.81 4.50
N LEU B 311 3.01 -2.46 5.44
CA LEU B 311 2.04 -3.50 5.12
C LEU B 311 0.87 -2.97 4.30
N GLU B 312 0.36 -1.79 4.68
CA GLU B 312 -0.75 -1.13 3.96
C GLU B 312 -0.65 -1.34 2.45
N ALA B 313 0.54 -1.05 1.91
CA ALA B 313 0.80 -1.17 0.47
C ALA B 313 0.38 -2.54 -0.06
N LEU B 314 0.85 -3.58 0.61
CA LEU B 314 0.62 -4.95 0.17
C LEU B 314 -0.80 -5.38 0.48
N ASP B 315 -1.30 -4.96 1.63
CA ASP B 315 -2.65 -5.26 2.09
C ASP B 315 -3.68 -4.75 1.09
N LEU B 316 -4.86 -5.36 1.10
CA LEU B 316 -5.98 -4.88 0.28
C LEU B 316 -6.61 -3.64 0.92
N SER B 317 -5.84 -2.56 0.98
CA SER B 317 -6.22 -1.36 1.71
C SER B 317 -6.52 -0.17 0.79
N THR B 318 -6.94 -0.46 -0.44
CA THR B 318 -7.34 0.55 -1.42
C THR B 318 -8.85 0.65 -1.48
N ASP B 319 -9.35 1.85 -1.77
CA ASP B 319 -10.79 2.06 -1.96
C ASP B 319 -11.25 1.29 -3.19
N MET B 320 -12.30 0.49 -3.01
CA MET B 320 -12.84 -0.32 -4.11
C MET B 320 -14.26 0.12 -4.49
N THR B 321 -14.68 1.28 -3.99
CA THR B 321 -16.04 1.78 -4.20
C THR B 321 -16.15 2.76 -5.37
N GLN B 322 -15.05 3.05 -6.03
CA GLN B 322 -15.07 3.95 -7.18
C GLN B 322 -15.54 3.19 -8.41
N PRO B 323 -16.01 3.90 -9.46
CA PRO B 323 -16.41 3.22 -10.70
C PRO B 323 -15.28 2.39 -11.34
N LEU B 324 -15.65 1.36 -12.10
CA LEU B 324 -14.70 0.38 -12.63
C LEU B 324 -13.63 0.96 -13.56
N SER B 325 -13.98 2.03 -14.26
CA SER B 325 -13.05 2.72 -15.16
C SER B 325 -11.96 3.51 -14.41
N ALA B 326 -12.12 3.66 -13.10
CA ALA B 326 -11.16 4.39 -12.28
C ALA B 326 -10.01 3.52 -11.77
N TYR B 327 -9.86 2.31 -12.32
CA TYR B 327 -8.82 1.38 -11.86
C TYR B 327 -7.99 0.87 -13.01
N PHE B 328 -6.70 0.69 -12.76
CA PHE B 328 -5.86 -0.11 -13.64
C PHE B 328 -6.20 -1.57 -13.37
N ILE B 329 -6.47 -2.32 -14.43
CA ILE B 329 -6.93 -3.71 -14.30
C ILE B 329 -5.91 -4.65 -14.95
N ASN B 330 -5.57 -5.70 -14.22
CA ASN B 330 -4.63 -6.71 -14.68
C ASN B 330 -5.26 -7.53 -15.80
N SER B 331 -4.66 -7.52 -16.99
CA SER B 331 -5.29 -8.08 -18.18
C SER B 331 -4.37 -9.00 -18.99
N SER B 332 -4.97 -10.01 -19.62
CA SER B 332 -4.24 -10.96 -20.46
C SER B 332 -4.70 -10.85 -21.92
N HIS B 333 -3.75 -11.04 -22.83
CA HIS B 333 -3.99 -11.08 -24.27
C HIS B 333 -3.72 -12.48 -24.79
N ASN B 334 -4.66 -13.03 -25.56
CA ASN B 334 -4.60 -14.41 -26.04
C ASN B 334 -4.06 -15.34 -24.97
N THR B 335 -4.80 -15.40 -23.87
CA THR B 335 -4.39 -16.15 -22.68
C THR B 335 -4.05 -17.60 -23.00
N TYR B 336 -4.86 -18.21 -23.87
CA TYR B 336 -4.69 -19.62 -24.26
C TYR B 336 -3.29 -20.00 -24.78
N LEU B 337 -2.60 -19.08 -25.45
CA LEU B 337 -1.29 -19.39 -26.06
C LEU B 337 -0.17 -19.50 -25.03
N THR B 338 0.67 -20.52 -25.19
CA THR B 338 1.71 -20.85 -24.20
C THR B 338 3.12 -20.37 -24.57
N ALA B 339 3.38 -20.13 -25.86
CA ALA B 339 4.69 -19.67 -26.31
C ALA B 339 4.58 -18.68 -27.46
N GLY B 340 4.24 -19.17 -28.65
CA GLY B 340 4.20 -18.35 -29.86
C GLY B 340 2.79 -18.01 -30.30
N GLN B 341 2.70 -17.11 -31.27
CA GLN B 341 1.43 -16.71 -31.87
C GLN B 341 1.11 -17.60 -33.07
N LEU B 342 2.06 -17.70 -33.99
CA LEU B 342 1.86 -18.42 -35.26
C LEU B 342 1.92 -19.94 -35.08
N ALA B 343 2.88 -20.41 -34.30
CA ALA B 343 3.02 -21.85 -34.02
C ALA B 343 3.31 -22.07 -32.54
N GLY B 344 2.42 -22.83 -31.87
CA GLY B 344 2.54 -23.06 -30.44
C GLY B 344 1.32 -23.74 -29.85
N THR B 345 1.44 -24.21 -28.62
CA THR B 345 0.36 -24.94 -27.96
C THR B 345 -0.73 -24.00 -27.46
N SER B 346 -1.97 -24.49 -27.48
CA SER B 346 -3.10 -23.81 -26.87
C SER B 346 -3.51 -24.60 -25.64
N SER B 347 -3.35 -24.01 -24.47
CA SER B 347 -3.55 -24.71 -23.20
C SER B 347 -4.72 -24.11 -22.41
N VAL B 348 -5.47 -24.99 -21.74
CA VAL B 348 -6.54 -24.57 -20.81
C VAL B 348 -5.93 -24.15 -19.47
N GLU B 349 -4.76 -24.71 -19.17
CA GLU B 349 -4.04 -24.43 -17.92
C GLU B 349 -3.70 -22.95 -17.77
N MET B 350 -3.36 -22.30 -18.87
CA MET B 350 -2.98 -20.89 -18.84
C MET B 350 -4.09 -20.01 -18.28
N TYR B 351 -5.34 -20.35 -18.56
CA TYR B 351 -6.48 -19.66 -17.95
C TYR B 351 -6.44 -19.82 -16.43
N ARG B 352 -6.14 -21.04 -15.98
CA ARG B 352 -5.96 -21.30 -14.56
C ARG B 352 -4.82 -20.44 -14.04
N GLN B 353 -3.66 -20.54 -14.70
CA GLN B 353 -2.46 -19.82 -14.26
C GLN B 353 -2.59 -18.30 -14.32
N ALA B 354 -3.38 -17.79 -15.27
CA ALA B 354 -3.59 -16.36 -15.40
C ALA B 354 -4.42 -15.84 -14.24
N LEU B 355 -5.58 -16.44 -14.03
CA LEU B 355 -6.51 -15.99 -13.00
C LEU B 355 -5.96 -16.20 -11.59
N LEU B 356 -5.28 -17.33 -11.37
CA LEU B 356 -4.63 -17.60 -10.08
C LEU B 356 -3.55 -16.56 -9.75
N TRP B 357 -2.96 -15.99 -10.78
CA TRP B 357 -1.91 -14.99 -10.62
C TRP B 357 -2.46 -13.56 -10.54
N GLY B 358 -3.78 -13.42 -10.49
CA GLY B 358 -4.40 -12.12 -10.29
C GLY B 358 -4.86 -11.40 -11.54
N CYS B 359 -4.86 -12.09 -12.68
CA CYS B 359 -5.40 -11.52 -13.92
C CYS B 359 -6.91 -11.45 -13.83
N ARG B 360 -7.48 -10.31 -14.24
CA ARG B 360 -8.92 -10.11 -14.17
C ARG B 360 -9.59 -9.95 -15.53
N CYS B 361 -8.80 -9.86 -16.60
CA CYS B 361 -9.34 -9.86 -17.96
C CYS B 361 -8.59 -10.88 -18.81
N VAL B 362 -9.26 -11.99 -19.11
CA VAL B 362 -8.68 -13.05 -19.93
C VAL B 362 -9.39 -13.11 -21.27
N GLU B 363 -8.64 -13.39 -22.34
CA GLU B 363 -9.18 -13.38 -23.69
C GLU B 363 -9.49 -14.79 -24.17
N LEU B 364 -10.53 -14.91 -25.00
CA LEU B 364 -10.96 -16.18 -25.58
C LEU B 364 -11.33 -16.00 -27.05
N ASP B 365 -10.45 -16.47 -27.95
CA ASP B 365 -10.71 -16.42 -29.39
C ASP B 365 -11.53 -17.64 -29.81
N VAL B 366 -12.84 -17.55 -29.65
CA VAL B 366 -13.72 -18.69 -29.92
C VAL B 366 -13.91 -18.85 -31.43
N TRP B 367 -13.96 -20.09 -31.90
CA TRP B 367 -14.08 -20.38 -33.34
C TRP B 367 -15.19 -21.38 -33.66
N LYS B 368 -15.60 -21.38 -34.93
CA LYS B 368 -16.70 -22.20 -35.42
C LYS B 368 -16.31 -23.68 -35.44
N GLY B 369 -17.03 -24.50 -34.68
CA GLY B 369 -16.73 -25.94 -34.55
C GLY B 369 -17.02 -26.73 -35.81
N ARG B 370 -16.29 -27.82 -36.00
CA ARG B 370 -16.44 -28.67 -37.18
C ARG B 370 -17.77 -29.43 -37.17
N PRO B 371 -18.16 -30.06 -38.31
CA PRO B 371 -19.42 -30.80 -38.39
C PRO B 371 -19.58 -32.15 -37.65
N PRO B 372 -18.50 -32.74 -37.07
CA PRO B 372 -18.80 -33.99 -36.35
C PRO B 372 -19.53 -33.75 -35.02
N GLU B 373 -18.90 -33.03 -34.10
CA GLU B 373 -19.49 -32.75 -32.78
C GLU B 373 -20.16 -31.38 -32.68
N GLU B 374 -19.76 -30.45 -33.54
CA GLU B 374 -20.25 -29.06 -33.50
C GLU B 374 -19.98 -28.38 -32.17
N GLU B 375 -18.79 -28.62 -31.62
CA GLU B 375 -18.37 -28.02 -30.35
C GLU B 375 -17.50 -26.78 -30.62
N PRO B 376 -17.89 -25.62 -30.06
CA PRO B 376 -17.02 -24.44 -30.15
C PRO B 376 -15.66 -24.66 -29.46
N PHE B 377 -14.59 -24.28 -30.13
CA PHE B 377 -13.23 -24.45 -29.60
C PHE B 377 -12.41 -23.16 -29.76
N ILE B 378 -11.23 -23.15 -29.13
CA ILE B 378 -10.38 -21.96 -29.09
C ILE B 378 -9.01 -22.22 -29.68
N THR B 379 -8.58 -21.34 -30.59
CA THR B 379 -7.24 -21.36 -31.15
C THR B 379 -6.97 -20.03 -31.87
N HIS B 380 -5.72 -19.83 -32.29
CA HIS B 380 -5.31 -18.60 -32.95
C HIS B 380 -5.82 -18.57 -34.40
N GLY B 381 -5.96 -17.36 -34.96
CA GLY B 381 -6.51 -17.16 -36.30
C GLY B 381 -6.00 -18.12 -37.36
N PHE B 382 -6.60 -19.30 -37.42
CA PHE B 382 -6.22 -20.38 -38.34
C PHE B 382 -4.71 -20.44 -38.61
N THR B 383 -3.93 -20.41 -37.53
CA THR B 383 -2.47 -20.51 -37.62
C THR B 383 -2.03 -21.94 -37.33
N MET B 384 -0.72 -22.15 -37.16
CA MET B 384 -0.16 -23.48 -36.92
C MET B 384 -0.22 -23.81 -35.42
N THR B 385 -1.34 -23.50 -34.77
CA THR B 385 -1.49 -23.67 -33.32
C THR B 385 -2.55 -24.73 -32.99
N THR B 386 -2.35 -25.40 -31.85
CA THR B 386 -3.27 -26.46 -31.42
C THR B 386 -4.57 -25.87 -30.88
N GLU B 387 -5.51 -26.73 -30.50
CA GLU B 387 -6.85 -26.29 -30.10
C GLU B 387 -7.27 -26.86 -28.75
N VAL B 388 -8.16 -26.14 -28.08
CA VAL B 388 -8.82 -26.61 -26.86
C VAL B 388 -10.30 -26.27 -26.94
N PRO B 389 -11.18 -27.18 -26.49
CA PRO B 389 -12.62 -26.92 -26.56
C PRO B 389 -13.08 -25.86 -25.56
N LEU B 390 -14.08 -25.07 -25.94
CA LEU B 390 -14.55 -23.96 -25.12
C LEU B 390 -15.08 -24.45 -23.78
N ARG B 391 -15.93 -25.46 -23.82
CA ARG B 391 -16.54 -26.02 -22.62
C ARG B 391 -15.52 -26.14 -21.50
N ASP B 392 -14.36 -26.70 -21.82
CA ASP B 392 -13.29 -26.94 -20.84
C ASP B 392 -12.72 -25.65 -20.28
N VAL B 393 -12.50 -24.67 -21.14
CA VAL B 393 -11.92 -23.38 -20.73
C VAL B 393 -12.82 -22.65 -19.73
N LEU B 394 -14.13 -22.77 -19.90
CA LEU B 394 -15.09 -22.14 -18.99
C LEU B 394 -15.04 -22.80 -17.60
N GLU B 395 -14.94 -24.13 -17.59
CA GLU B 395 -14.79 -24.89 -16.34
C GLU B 395 -13.51 -24.51 -15.59
N ALA B 396 -12.45 -24.24 -16.34
CA ALA B 396 -11.17 -23.83 -15.76
C ALA B 396 -11.28 -22.44 -15.14
N ILE B 397 -12.06 -21.55 -15.76
CA ILE B 397 -12.29 -20.22 -15.21
C ILE B 397 -13.17 -20.30 -13.97
N ALA B 398 -14.28 -21.02 -14.07
CA ALA B 398 -15.17 -21.25 -12.93
C ALA B 398 -14.39 -21.67 -11.69
N GLU B 399 -13.41 -22.54 -11.88
CA GLU B 399 -12.56 -23.02 -10.79
C GLU B 399 -11.70 -21.92 -10.16
N THR B 400 -10.95 -21.21 -11.00
CA THR B 400 -9.87 -20.34 -10.53
C THR B 400 -10.19 -18.85 -10.48
N ALA B 401 -11.30 -18.44 -11.08
CA ALA B 401 -11.63 -17.01 -11.20
C ALA B 401 -11.39 -16.25 -9.89
N PHE B 402 -12.14 -16.62 -8.86
CA PHE B 402 -12.09 -15.91 -7.59
C PHE B 402 -11.36 -16.68 -6.49
N LYS B 403 -10.42 -17.53 -6.89
CA LYS B 403 -9.62 -18.31 -5.94
C LYS B 403 -8.60 -17.43 -5.22
N THR B 404 -8.08 -16.42 -5.91
CA THR B 404 -7.09 -15.50 -5.33
C THR B 404 -7.55 -14.05 -5.21
N SER B 405 -8.77 -13.75 -5.67
CA SER B 405 -9.30 -12.40 -5.61
C SER B 405 -10.82 -12.38 -5.80
N PRO B 406 -11.55 -11.76 -4.87
CA PRO B 406 -13.00 -11.76 -4.95
C PRO B 406 -13.59 -10.78 -5.96
N TYR B 407 -12.74 -10.12 -6.75
CA TYR B 407 -13.18 -9.01 -7.60
C TYR B 407 -13.40 -9.46 -9.05
N PRO B 408 -14.28 -8.76 -9.78
CA PRO B 408 -14.80 -9.22 -11.07
C PRO B 408 -13.75 -9.67 -12.09
N VAL B 409 -14.14 -10.64 -12.92
CA VAL B 409 -13.29 -11.13 -13.98
C VAL B 409 -13.99 -10.85 -15.31
N ILE B 410 -13.41 -9.96 -16.11
CA ILE B 410 -13.97 -9.64 -17.41
C ILE B 410 -13.50 -10.68 -18.42
N LEU B 411 -14.43 -11.23 -19.20
CA LEU B 411 -14.10 -12.22 -20.21
C LEU B 411 -14.03 -11.56 -21.58
N SER B 412 -12.82 -11.30 -22.04
CA SER B 412 -12.58 -10.66 -23.33
C SER B 412 -12.75 -11.66 -24.46
N PHE B 413 -13.97 -11.76 -24.99
CA PHE B 413 -14.22 -12.65 -26.11
C PHE B 413 -13.65 -12.09 -27.41
N GLU B 414 -13.50 -12.98 -28.38
CA GLU B 414 -13.25 -12.61 -29.76
C GLU B 414 -13.99 -13.65 -30.59
N ASN B 415 -15.30 -13.49 -30.66
CA ASN B 415 -16.20 -14.50 -31.20
C ASN B 415 -16.11 -14.63 -32.71
N HIS B 416 -15.74 -15.82 -33.17
CA HIS B 416 -15.83 -16.19 -34.59
C HIS B 416 -16.74 -17.40 -34.73
N VAL B 417 -17.92 -17.31 -34.12
CA VAL B 417 -18.94 -18.34 -34.23
C VAL B 417 -20.21 -17.66 -34.72
N ASP B 418 -20.47 -17.79 -36.02
CA ASP B 418 -21.63 -17.16 -36.66
C ASP B 418 -22.78 -18.14 -36.88
N SER B 419 -22.71 -19.30 -36.23
CA SER B 419 -23.81 -20.27 -36.22
C SER B 419 -24.67 -20.04 -34.98
N ALA B 420 -26.00 -20.01 -35.19
CA ALA B 420 -26.95 -19.72 -34.12
C ALA B 420 -27.06 -20.84 -33.09
N LYS B 421 -26.85 -22.08 -33.53
CA LYS B 421 -26.96 -23.25 -32.66
C LYS B 421 -25.82 -23.28 -31.64
N GLN B 422 -24.60 -23.00 -32.11
CA GLN B 422 -23.44 -22.95 -31.24
C GLN B 422 -23.40 -21.69 -30.37
N GLN B 423 -24.02 -20.61 -30.86
CA GLN B 423 -24.10 -19.36 -30.12
C GLN B 423 -24.96 -19.51 -28.87
N ALA B 424 -26.11 -20.17 -29.03
CA ALA B 424 -27.01 -20.47 -27.92
C ALA B 424 -26.40 -21.50 -26.97
N LYS B 425 -25.61 -22.42 -27.52
CA LYS B 425 -24.90 -23.42 -26.71
C LYS B 425 -23.84 -22.77 -25.83
N MET B 426 -22.99 -21.93 -26.41
CA MET B 426 -21.92 -21.30 -25.65
C MET B 426 -22.44 -20.29 -24.63
N ALA B 427 -23.64 -19.74 -24.87
CA ALA B 427 -24.32 -18.90 -23.90
C ALA B 427 -24.85 -19.74 -22.74
N GLU B 428 -25.38 -20.92 -23.05
CA GLU B 428 -25.78 -21.89 -22.02
C GLU B 428 -24.56 -22.35 -21.23
N TYR B 429 -23.49 -22.69 -21.94
CA TYR B 429 -22.22 -23.08 -21.32
C TYR B 429 -21.73 -22.02 -20.35
N CYS B 430 -21.94 -20.74 -20.69
CA CYS B 430 -21.64 -19.65 -19.78
C CYS B 430 -22.63 -19.61 -18.61
N ARG B 431 -23.92 -19.72 -18.91
CA ARG B 431 -24.96 -19.68 -17.89
C ARG B 431 -24.87 -20.84 -16.90
N SER B 432 -24.71 -22.05 -17.41
CA SER B 432 -24.71 -23.25 -16.57
C SER B 432 -23.43 -23.43 -15.76
N ILE B 433 -22.27 -23.12 -16.35
CA ILE B 433 -20.97 -23.33 -15.70
C ILE B 433 -20.64 -22.25 -14.65
N PHE B 434 -21.10 -21.02 -14.85
CA PHE B 434 -20.87 -19.94 -13.88
C PHE B 434 -22.05 -19.75 -12.93
N GLY B 435 -23.27 -19.70 -13.48
CA GLY B 435 -24.48 -19.63 -12.67
C GLY B 435 -24.73 -18.27 -12.03
N ASP B 436 -24.69 -18.22 -10.70
CA ASP B 436 -25.02 -17.00 -9.94
C ASP B 436 -24.05 -15.85 -10.19
N ALA B 437 -22.77 -16.19 -10.44
CA ALA B 437 -21.75 -15.18 -10.67
C ALA B 437 -22.02 -14.39 -11.95
N LEU B 438 -22.29 -15.11 -13.03
CA LEU B 438 -22.53 -14.49 -14.34
C LEU B 438 -23.55 -13.37 -14.25
N LEU B 439 -23.12 -12.15 -14.54
CA LEU B 439 -24.01 -11.00 -14.56
C LEU B 439 -24.79 -10.98 -15.87
N ILE B 440 -26.10 -11.15 -15.79
CA ILE B 440 -26.95 -11.32 -16.97
C ILE B 440 -27.87 -10.11 -17.25
N GLU B 441 -28.32 -9.45 -16.18
CA GLU B 441 -29.04 -8.17 -16.30
C GLU B 441 -28.25 -7.09 -15.56
N PRO B 442 -28.51 -5.80 -15.88
CA PRO B 442 -27.85 -4.71 -15.14
C PRO B 442 -28.33 -4.63 -13.70
N LEU B 443 -27.49 -4.10 -12.82
CA LEU B 443 -27.83 -3.94 -11.40
C LEU B 443 -28.87 -2.84 -11.21
N ASP B 444 -29.55 -2.87 -10.06
CA ASP B 444 -30.63 -1.92 -9.77
C ASP B 444 -30.10 -0.49 -9.64
N LYS B 445 -28.92 -0.34 -9.03
CA LYS B 445 -28.34 0.98 -8.80
C LYS B 445 -27.77 1.64 -10.06
N TYR B 446 -27.27 0.83 -10.99
CA TYR B 446 -26.59 1.35 -12.20
C TYR B 446 -27.25 0.88 -13.51
N PRO B 447 -28.32 1.56 -13.96
CA PRO B 447 -28.93 1.19 -15.23
C PRO B 447 -28.04 1.52 -16.44
N LEU B 448 -28.40 1.02 -17.61
CA LEU B 448 -27.63 1.23 -18.83
C LEU B 448 -28.05 2.50 -19.56
N ALA B 449 -28.10 3.62 -18.84
CA ALA B 449 -28.63 4.88 -19.36
C ALA B 449 -27.51 5.89 -19.58
N PRO B 450 -27.81 7.01 -20.27
CA PRO B 450 -26.82 8.09 -20.35
C PRO B 450 -26.56 8.74 -19.00
N GLY B 451 -25.33 9.16 -18.77
CA GLY B 451 -24.95 9.87 -17.55
C GLY B 451 -24.81 9.01 -16.31
N VAL B 452 -24.70 7.69 -16.50
CA VAL B 452 -24.57 6.75 -15.40
C VAL B 452 -23.14 6.20 -15.39
N PRO B 453 -22.50 6.15 -14.21
CA PRO B 453 -21.15 5.60 -14.15
C PRO B 453 -21.18 4.07 -14.10
N LEU B 454 -20.02 3.45 -14.29
CA LEU B 454 -19.90 2.01 -14.13
C LEU B 454 -19.98 1.66 -12.65
N PRO B 455 -20.49 0.45 -12.33
CA PRO B 455 -20.49 0.02 -10.93
C PRO B 455 -19.06 -0.20 -10.42
N SER B 456 -18.88 -0.12 -9.10
CA SER B 456 -17.57 -0.32 -8.51
C SER B 456 -17.19 -1.79 -8.47
N PRO B 457 -15.88 -2.09 -8.31
CA PRO B 457 -15.45 -3.47 -8.06
C PRO B 457 -16.15 -4.09 -6.87
N GLN B 458 -16.31 -3.31 -5.80
CA GLN B 458 -17.04 -3.73 -4.62
C GLN B 458 -18.41 -4.26 -5.01
N ASP B 459 -19.13 -3.48 -5.82
CA ASP B 459 -20.50 -3.82 -6.22
C ASP B 459 -20.57 -5.08 -7.08
N LEU B 460 -19.49 -5.37 -7.80
CA LEU B 460 -19.45 -6.53 -8.72
C LEU B 460 -18.54 -7.66 -8.24
N MET B 461 -18.33 -7.75 -6.93
CA MET B 461 -17.51 -8.83 -6.37
C MET B 461 -18.10 -10.17 -6.73
N GLY B 462 -17.24 -11.07 -7.20
CA GLY B 462 -17.68 -12.42 -7.57
C GLY B 462 -18.60 -12.47 -8.78
N ARG B 463 -18.40 -11.54 -9.73
CA ARG B 463 -19.20 -11.50 -10.95
C ARG B 463 -18.33 -11.67 -12.20
N ILE B 464 -18.74 -12.58 -13.08
CA ILE B 464 -18.10 -12.74 -14.38
C ILE B 464 -18.78 -11.78 -15.34
N LEU B 465 -17.98 -11.02 -16.08
CA LEU B 465 -18.50 -10.06 -17.05
C LEU B 465 -18.02 -10.37 -18.46
N VAL B 466 -18.92 -10.76 -19.35
CA VAL B 466 -18.56 -11.03 -20.75
C VAL B 466 -18.46 -9.73 -21.54
N LYS B 467 -17.47 -9.68 -22.42
CA LYS B 467 -17.29 -8.55 -23.32
C LYS B 467 -17.34 -9.09 -24.75
N ASN B 468 -18.52 -9.00 -25.35
CA ASN B 468 -18.77 -9.56 -26.67
C ASN B 468 -19.53 -8.57 -27.56
N LYS B 469 -19.38 -8.72 -28.86
CA LYS B 469 -20.02 -7.83 -29.83
C LYS B 469 -21.52 -8.08 -29.89
N LYS B 470 -22.27 -7.07 -30.33
CA LYS B 470 -23.74 -7.16 -30.41
C LYS B 470 -24.24 -6.74 -31.78
N ARG B 471 -25.34 -7.35 -32.22
CA ARG B 471 -25.91 -7.17 -33.56
C ARG B 471 -24.84 -7.00 -34.66
N GLU B 491 -27.80 -15.15 -28.59
CA GLU B 491 -27.87 -15.34 -27.14
C GLU B 491 -26.63 -14.78 -26.42
N MET B 492 -25.51 -14.68 -27.12
CA MET B 492 -24.27 -14.18 -26.51
C MET B 492 -24.29 -12.68 -26.22
N SER B 493 -25.09 -11.93 -26.98
CA SER B 493 -25.18 -10.48 -26.79
C SER B 493 -25.97 -10.12 -25.54
N THR B 494 -27.07 -10.82 -25.28
CA THR B 494 -27.93 -10.52 -24.13
C THR B 494 -27.22 -10.68 -22.77
N LEU B 495 -26.13 -11.45 -22.74
CA LEU B 495 -25.26 -11.53 -21.55
C LEU B 495 -24.44 -10.26 -21.34
N VAL B 496 -24.18 -9.53 -22.42
CA VAL B 496 -23.40 -8.29 -22.35
C VAL B 496 -24.28 -7.20 -21.72
N ASN B 497 -23.65 -6.32 -20.95
CA ASN B 497 -24.37 -5.26 -20.25
C ASN B 497 -23.50 -4.05 -19.92
N TYR B 498 -22.46 -4.26 -19.10
CA TYR B 498 -21.61 -3.17 -18.62
C TYR B 498 -20.34 -2.99 -19.43
N ILE B 499 -20.03 -3.95 -20.32
CA ILE B 499 -18.83 -3.88 -21.13
C ILE B 499 -19.16 -4.22 -22.59
N GLU B 500 -19.87 -3.30 -23.23
CA GLU B 500 -20.19 -3.41 -24.66
C GLU B 500 -19.06 -2.78 -25.47
N PRO B 501 -18.37 -3.60 -26.28
CA PRO B 501 -17.32 -3.04 -27.14
C PRO B 501 -17.91 -2.31 -28.33
N VAL B 502 -17.31 -1.18 -28.70
CA VAL B 502 -17.77 -0.42 -29.87
C VAL B 502 -16.58 0.11 -30.67
N LYS B 503 -16.81 0.29 -31.97
CA LYS B 503 -15.77 0.75 -32.88
C LYS B 503 -15.52 2.24 -32.65
N PHE B 504 -14.37 2.54 -32.05
CA PHE B 504 -14.01 3.89 -31.65
C PHE B 504 -13.93 4.85 -32.84
N LYS B 505 -14.74 5.91 -32.80
CA LYS B 505 -14.70 6.97 -33.80
C LYS B 505 -13.71 8.06 -33.37
N SER B 506 -14.00 8.72 -32.25
CA SER B 506 -13.11 9.73 -31.68
C SER B 506 -13.51 10.01 -30.24
N PHE B 507 -12.64 10.74 -29.53
CA PHE B 507 -12.93 11.16 -28.16
C PHE B 507 -14.05 12.20 -28.12
N GLU B 508 -14.28 12.88 -29.24
CA GLU B 508 -15.40 13.81 -29.36
C GLU B 508 -16.71 13.04 -29.43
N ALA B 509 -16.74 12.02 -30.28
CA ALA B 509 -17.93 11.20 -30.49
C ALA B 509 -18.32 10.42 -29.23
N ALA B 510 -17.31 10.01 -28.45
CA ALA B 510 -17.55 9.32 -27.18
C ALA B 510 -18.15 10.26 -26.13
N ARG B 511 -17.68 11.51 -26.11
CA ARG B 511 -18.18 12.54 -25.18
C ARG B 511 -19.61 12.96 -25.54
N LYS B 512 -19.90 13.05 -26.84
CA LYS B 512 -21.25 13.31 -27.35
C LYS B 512 -22.31 12.33 -26.80
N ARG B 513 -21.95 11.06 -26.74
CA ARG B 513 -22.85 10.00 -26.28
C ARG B 513 -22.97 9.98 -24.76
N ASN B 514 -21.82 10.04 -24.09
CA ASN B 514 -21.74 9.99 -22.63
C ASN B 514 -22.36 8.71 -22.06
N LYS B 515 -21.80 7.57 -22.46
CA LYS B 515 -22.28 6.26 -22.06
C LYS B 515 -21.11 5.43 -21.55
N CYS B 516 -21.06 5.24 -20.23
CA CYS B 516 -19.93 4.56 -19.59
C CYS B 516 -19.93 3.05 -19.81
N PHE B 517 -21.11 2.48 -20.06
CA PHE B 517 -21.21 1.04 -20.33
C PHE B 517 -20.52 0.63 -21.64
N GLU B 518 -20.39 1.57 -22.59
CA GLU B 518 -19.64 1.31 -23.82
C GLU B 518 -18.13 1.33 -23.57
N MET B 519 -17.39 0.63 -24.41
CA MET B 519 -15.92 0.63 -24.34
C MET B 519 -15.31 0.32 -25.70
N SER B 520 -13.98 0.41 -25.79
CA SER B 520 -13.27 0.17 -27.05
C SER B 520 -11.89 -0.42 -26.82
N SER B 521 -11.50 -1.37 -27.66
CA SER B 521 -10.16 -1.95 -27.62
C SER B 521 -9.28 -1.22 -28.63
N PHE B 522 -7.97 -1.22 -28.38
CA PHE B 522 -7.01 -0.53 -29.25
C PHE B 522 -5.73 -1.33 -29.42
N VAL B 523 -5.40 -1.66 -30.66
CA VAL B 523 -4.13 -2.30 -30.97
C VAL B 523 -2.98 -1.36 -30.64
N GLU B 524 -1.86 -1.91 -30.18
CA GLU B 524 -0.73 -1.13 -29.65
C GLU B 524 -0.41 0.13 -30.44
N THR B 525 -0.26 -0.01 -31.76
CA THR B 525 0.16 1.10 -32.60
C THR B 525 -0.91 2.19 -32.72
N LYS B 526 -2.18 1.80 -32.76
CA LYS B 526 -3.28 2.78 -32.81
C LYS B 526 -3.42 3.50 -31.47
N ALA B 527 -3.16 2.79 -30.37
CA ALA B 527 -3.14 3.40 -29.05
C ALA B 527 -2.01 4.42 -28.93
N MET B 528 -0.86 4.08 -29.50
CA MET B 528 0.29 4.97 -29.55
C MET B 528 -0.01 6.25 -30.34
N GLU B 529 -0.85 6.11 -31.37
CA GLU B 529 -1.28 7.26 -32.18
C GLU B 529 -2.12 8.24 -31.35
N GLN B 530 -3.09 7.71 -30.62
CA GLN B 530 -3.93 8.53 -29.76
C GLN B 530 -3.16 9.09 -28.58
N LEU B 531 -2.12 8.37 -28.16
CA LEU B 531 -1.27 8.79 -27.05
C LEU B 531 -0.51 10.08 -27.36
N THR B 532 0.21 10.10 -28.48
CA THR B 532 1.06 11.24 -28.82
C THR B 532 0.27 12.43 -29.37
N LYS B 533 -0.93 12.18 -29.88
CA LYS B 533 -1.74 13.24 -30.50
C LYS B 533 -2.79 13.82 -29.54
N SER B 534 -3.52 12.93 -28.86
CA SER B 534 -4.62 13.36 -27.97
C SER B 534 -4.47 12.79 -26.56
N PRO B 535 -3.32 13.04 -25.90
CA PRO B 535 -3.05 12.45 -24.59
C PRO B 535 -4.08 12.85 -23.52
N MET B 536 -4.45 14.12 -23.48
CA MET B 536 -5.33 14.63 -22.43
C MET B 536 -6.78 14.20 -22.64
N GLU B 537 -7.23 14.22 -23.90
CA GLU B 537 -8.57 13.74 -24.23
C GLU B 537 -8.71 12.22 -23.98
N PHE B 538 -7.59 11.50 -24.06
CA PHE B 538 -7.55 10.07 -23.71
C PHE B 538 -7.81 9.88 -22.22
N VAL B 539 -7.12 10.66 -21.38
CA VAL B 539 -7.30 10.58 -19.93
C VAL B 539 -8.76 10.87 -19.58
N GLU B 540 -9.27 11.97 -20.13
CA GLU B 540 -10.68 12.36 -19.93
C GLU B 540 -11.63 11.27 -20.40
N TYR B 541 -11.33 10.64 -21.54
CA TYR B 541 -12.13 9.51 -21.98
C TYR B 541 -12.11 8.39 -20.95
N ASN B 542 -10.90 8.06 -20.49
CA ASN B 542 -10.73 6.97 -19.53
C ASN B 542 -11.30 7.24 -18.14
N LYS B 543 -11.56 8.50 -17.81
CA LYS B 543 -12.20 8.86 -16.55
C LYS B 543 -13.61 8.26 -16.42
N GLN B 544 -14.34 8.16 -17.53
CA GLN B 544 -15.69 7.58 -17.53
C GLN B 544 -15.71 6.15 -18.08
N GLN B 545 -15.13 5.95 -19.26
CA GLN B 545 -15.26 4.69 -20.01
C GLN B 545 -13.97 3.88 -19.99
N LEU B 546 -14.04 2.66 -20.53
CA LEU B 546 -12.90 1.74 -20.54
C LEU B 546 -12.19 1.68 -21.88
N SER B 547 -10.86 1.59 -21.85
CA SER B 547 -10.07 1.30 -23.04
C SER B 547 -9.25 0.04 -22.79
N ARG B 548 -9.43 -0.95 -23.65
CA ARG B 548 -8.59 -2.13 -23.65
C ARG B 548 -7.49 -1.97 -24.70
N ILE B 549 -6.31 -2.47 -24.39
CA ILE B 549 -5.16 -2.34 -25.27
C ILE B 549 -4.43 -3.66 -25.37
N TYR B 550 -4.12 -4.06 -26.61
CA TYR B 550 -3.43 -5.32 -26.85
C TYR B 550 -2.23 -5.10 -27.77
N PRO B 551 -1.30 -6.08 -27.83
CA PRO B 551 -0.09 -5.89 -28.62
C PRO B 551 -0.34 -6.00 -30.11
N LYS B 552 0.50 -5.35 -30.91
CA LYS B 552 0.39 -5.41 -32.37
C LYS B 552 0.58 -6.83 -32.88
N GLY B 553 -0.09 -7.14 -33.99
CA GLY B 553 -0.06 -8.48 -34.58
C GLY B 553 1.31 -8.94 -35.03
N THR B 554 2.21 -8.00 -35.28
CA THR B 554 3.57 -8.31 -35.72
C THR B 554 4.47 -8.88 -34.63
N ARG B 555 4.06 -8.78 -33.35
CA ARG B 555 4.79 -9.42 -32.25
C ARG B 555 4.50 -10.92 -32.22
N VAL B 556 5.04 -11.61 -33.23
CA VAL B 556 4.72 -13.02 -33.49
C VAL B 556 5.35 -13.99 -32.49
N ASP B 557 6.40 -13.55 -31.81
CA ASP B 557 7.04 -14.31 -30.75
C ASP B 557 6.59 -13.79 -29.37
N SER B 558 5.31 -13.43 -29.27
CA SER B 558 4.70 -13.01 -28.01
C SER B 558 5.51 -11.94 -27.27
N SER B 559 6.10 -11.01 -28.02
CA SER B 559 6.84 -9.90 -27.44
C SER B 559 5.87 -8.94 -26.78
N ASN B 560 6.30 -8.31 -25.69
CA ASN B 560 5.44 -7.37 -24.97
C ASN B 560 5.85 -5.91 -25.17
N TYR B 561 4.85 -5.04 -25.13
CA TYR B 561 5.06 -3.59 -25.16
C TYR B 561 4.99 -3.09 -23.72
N MET B 562 5.66 -1.97 -23.45
CA MET B 562 5.66 -1.38 -22.13
C MET B 562 4.25 -0.93 -21.74
N PRO B 563 3.62 -1.59 -20.76
CA PRO B 563 2.25 -1.23 -20.39
C PRO B 563 2.14 0.16 -19.77
N GLN B 564 3.20 0.61 -19.09
CA GLN B 564 3.26 1.95 -18.52
C GLN B 564 2.83 3.02 -19.53
N LEU B 565 3.22 2.84 -20.80
CA LEU B 565 2.91 3.79 -21.87
C LEU B 565 1.45 4.20 -21.94
N PHE B 566 0.57 3.28 -21.58
CA PHE B 566 -0.86 3.51 -21.67
C PHE B 566 -1.56 3.62 -20.30
N TRP B 567 -0.90 3.16 -19.25
CA TRP B 567 -1.31 3.51 -17.88
C TRP B 567 -1.12 5.01 -17.63
N ASN B 568 -0.19 5.64 -18.35
CA ASN B 568 0.02 7.08 -18.26
C ASN B 568 -1.15 7.89 -18.77
N VAL B 569 -1.95 7.29 -19.66
CA VAL B 569 -3.17 7.93 -20.15
C VAL B 569 -4.43 7.28 -19.56
N GLY B 570 -4.24 6.49 -18.50
CA GLY B 570 -5.35 5.95 -17.71
C GLY B 570 -5.97 4.66 -18.21
N CYS B 571 -5.38 4.06 -19.24
CA CYS B 571 -5.93 2.85 -19.84
C CYS B 571 -5.92 1.71 -18.82
N GLN B 572 -7.10 1.13 -18.62
CA GLN B 572 -7.32 0.18 -17.54
C GLN B 572 -6.86 -1.21 -17.98
N LEU B 573 -7.41 -1.67 -19.10
CA LEU B 573 -7.20 -3.02 -19.59
C LEU B 573 -6.02 -3.06 -20.56
N VAL B 574 -4.82 -2.90 -20.02
CA VAL B 574 -3.60 -2.99 -20.80
C VAL B 574 -3.21 -4.47 -20.89
N ALA B 575 -3.66 -5.13 -21.96
CA ALA B 575 -3.48 -6.58 -22.11
C ALA B 575 -2.06 -6.95 -22.52
N LEU B 576 -1.54 -8.00 -21.90
CA LEU B 576 -0.18 -8.48 -22.16
C LEU B 576 -0.12 -10.00 -22.30
N ASN B 577 0.95 -10.49 -22.91
CA ASN B 577 1.21 -11.93 -23.04
C ASN B 577 1.86 -12.50 -21.79
N PHE B 578 1.07 -13.20 -20.98
CA PHE B 578 1.56 -13.73 -19.70
C PHE B 578 2.60 -14.85 -19.83
N GLN B 579 2.66 -15.48 -21.01
CA GLN B 579 3.66 -16.52 -21.28
C GLN B 579 5.09 -15.98 -21.42
N THR B 580 5.23 -14.71 -21.82
CA THR B 580 6.53 -14.08 -21.99
C THR B 580 6.86 -13.15 -20.82
N LEU B 581 7.80 -13.58 -19.97
CA LEU B 581 8.21 -12.81 -18.80
C LEU B 581 9.46 -11.98 -19.06
N ASP B 582 9.31 -10.98 -19.91
CA ASP B 582 10.34 -9.98 -20.16
C ASP B 582 10.22 -8.89 -19.10
N VAL B 583 10.84 -7.73 -19.33
CA VAL B 583 10.73 -6.61 -18.41
C VAL B 583 9.28 -6.13 -18.27
N ALA B 584 8.55 -6.12 -19.39
CA ALA B 584 7.18 -5.59 -19.41
C ALA B 584 6.23 -6.36 -18.50
N MET B 585 6.30 -7.69 -18.55
CA MET B 585 5.45 -8.55 -17.72
C MET B 585 5.92 -8.58 -16.28
N GLN B 586 7.24 -8.53 -16.08
CA GLN B 586 7.83 -8.40 -14.75
C GLN B 586 7.22 -7.22 -14.02
N LEU B 587 7.13 -6.09 -14.71
CA LEU B 587 6.50 -4.90 -14.15
C LEU B 587 5.04 -5.22 -13.80
N ASN B 588 4.27 -5.63 -14.81
CA ASN B 588 2.84 -5.93 -14.63
C ASN B 588 2.60 -6.82 -13.41
N ALA B 589 3.31 -7.94 -13.37
CA ALA B 589 3.18 -8.86 -12.24
C ALA B 589 3.57 -8.18 -10.93
N GLY B 590 4.63 -7.37 -10.97
CA GLY B 590 5.14 -6.66 -9.80
C GLY B 590 4.18 -5.65 -9.19
N VAL B 591 3.59 -4.80 -10.04
CA VAL B 591 2.71 -3.73 -9.56
C VAL B 591 1.33 -4.24 -9.11
N PHE B 592 0.81 -5.27 -9.78
CA PHE B 592 -0.51 -5.79 -9.44
C PHE B 592 -0.51 -6.65 -8.18
N GLU B 593 0.67 -7.04 -7.70
CA GLU B 593 0.83 -7.64 -6.38
C GLU B 593 0.18 -6.80 -5.29
N TYR B 594 0.35 -5.48 -5.40
CA TYR B 594 -0.10 -4.55 -4.38
C TYR B 594 -1.61 -4.41 -4.44
N ASN B 595 -2.18 -3.99 -3.31
CA ASN B 595 -3.62 -4.06 -3.10
C ASN B 595 -4.07 -5.52 -3.03
N GLY B 596 -3.41 -6.28 -2.15
CA GLY B 596 -3.76 -7.68 -1.86
C GLY B 596 -3.96 -8.58 -3.07
N ARG B 597 -3.15 -8.40 -4.10
CA ARG B 597 -3.28 -9.18 -5.34
C ARG B 597 -4.71 -9.20 -5.85
N SER B 598 -5.40 -8.07 -5.72
CA SER B 598 -6.80 -7.98 -6.12
C SER B 598 -6.94 -7.97 -7.63
N GLY B 599 -5.93 -7.43 -8.31
CA GLY B 599 -5.96 -7.29 -9.76
C GLY B 599 -6.36 -5.89 -10.20
N TYR B 600 -6.99 -5.14 -9.29
CA TYR B 600 -7.40 -3.77 -9.53
C TYR B 600 -6.53 -2.83 -8.71
N LEU B 601 -5.99 -1.80 -9.37
CA LEU B 601 -5.20 -0.77 -8.71
C LEU B 601 -5.87 0.57 -8.97
N LEU B 602 -6.08 1.34 -7.91
CA LEU B 602 -6.78 2.63 -8.02
C LEU B 602 -5.91 3.66 -8.73
N LYS B 603 -6.44 4.29 -9.77
CA LYS B 603 -5.72 5.30 -10.52
C LYS B 603 -5.45 6.53 -9.64
N PRO B 604 -4.52 7.40 -10.06
CA PRO B 604 -4.28 8.62 -9.28
C PRO B 604 -5.50 9.54 -9.27
N GLU B 605 -5.55 10.43 -8.29
CA GLU B 605 -6.70 11.32 -8.10
C GLU B 605 -7.00 12.17 -9.33
N PHE B 606 -5.96 12.72 -9.95
CA PHE B 606 -6.13 13.63 -11.07
C PHE B 606 -6.40 12.92 -12.40
N MET B 607 -6.25 11.59 -12.41
CA MET B 607 -6.63 10.77 -13.56
C MET B 607 -8.04 10.18 -13.41
N ARG B 608 -8.73 10.54 -12.33
CA ARG B 608 -10.10 10.08 -12.07
C ARG B 608 -11.11 11.22 -11.98
N ARG B 609 -10.75 12.28 -11.26
CA ARG B 609 -11.66 13.41 -11.02
C ARG B 609 -12.01 14.18 -12.31
N PRO B 610 -13.33 14.36 -12.57
CA PRO B 610 -13.76 15.09 -13.77
C PRO B 610 -13.27 16.54 -13.82
N ASP B 611 -13.32 17.23 -12.70
CA ASP B 611 -13.00 18.66 -12.63
C ASP B 611 -11.52 18.99 -12.81
N LYS B 612 -10.64 18.00 -12.69
CA LYS B 612 -9.20 18.24 -12.82
C LYS B 612 -8.67 17.87 -14.20
N SER B 613 -7.43 18.28 -14.46
CA SER B 613 -6.79 18.08 -15.75
C SER B 613 -5.31 18.39 -15.69
N PHE B 614 -4.52 17.62 -16.44
CA PHE B 614 -3.06 17.85 -16.55
C PHE B 614 -2.50 17.12 -17.78
N ASP B 615 -1.29 17.50 -18.20
CA ASP B 615 -0.66 16.93 -19.39
C ASP B 615 0.28 15.77 -19.01
N PRO B 616 -0.02 14.55 -19.47
CA PRO B 616 0.84 13.39 -19.16
C PRO B 616 2.29 13.54 -19.62
N PHE B 617 2.52 14.43 -20.57
CA PHE B 617 3.86 14.74 -21.03
C PHE B 617 4.49 15.94 -20.31
N THR B 618 3.86 16.43 -19.22
CA THR B 618 4.42 17.56 -18.47
C THR B 618 5.83 17.27 -17.99
N GLU B 619 6.71 18.25 -18.15
CA GLU B 619 8.09 18.14 -17.69
C GLU B 619 8.32 18.93 -16.40
N VAL B 620 7.26 19.55 -15.88
CA VAL B 620 7.33 20.31 -14.62
C VAL B 620 6.16 19.93 -13.71
N ILE B 621 6.38 20.05 -12.41
CA ILE B 621 5.39 19.66 -11.39
C ILE B 621 4.00 20.27 -11.58
N VAL B 622 2.97 19.47 -11.30
CA VAL B 622 1.58 19.90 -11.41
C VAL B 622 1.07 20.41 -10.06
N ASP B 623 0.29 21.49 -10.09
CA ASP B 623 -0.24 22.09 -8.87
C ASP B 623 -1.42 21.28 -8.36
N GLY B 624 -1.33 20.87 -7.09
CA GLY B 624 -2.31 19.97 -6.48
C GLY B 624 -1.69 18.61 -6.24
N ILE B 625 -0.71 18.24 -7.07
CA ILE B 625 -0.04 16.96 -6.96
C ILE B 625 1.34 17.12 -6.32
N VAL B 626 1.49 16.54 -5.13
CA VAL B 626 2.74 16.60 -4.39
C VAL B 626 3.78 15.72 -5.08
N ALA B 627 4.72 16.35 -5.78
CA ALA B 627 5.83 15.64 -6.40
C ALA B 627 6.81 15.15 -5.33
N ASN B 628 7.57 14.13 -5.67
CA ASN B 628 8.58 13.55 -4.76
C ASN B 628 9.97 13.54 -5.39
N ALA B 629 10.97 13.25 -4.58
CA ALA B 629 12.35 13.07 -5.05
C ALA B 629 12.97 11.84 -4.38
N LEU B 630 13.60 10.99 -5.19
CA LEU B 630 14.11 9.70 -4.73
C LEU B 630 15.64 9.63 -4.83
N ARG B 631 16.24 8.85 -3.94
CA ARG B 631 17.69 8.72 -3.85
C ARG B 631 18.07 7.26 -3.55
N VAL B 632 17.97 6.40 -4.55
CA VAL B 632 18.33 5.00 -4.39
C VAL B 632 19.85 4.86 -4.47
N LYS B 633 20.43 4.16 -3.50
CA LYS B 633 21.87 3.90 -3.45
C LYS B 633 22.11 2.44 -3.10
N VAL B 634 22.74 1.70 -4.02
CA VAL B 634 23.01 0.28 -3.81
C VAL B 634 24.29 0.10 -2.98
N ILE B 635 24.15 -0.50 -1.80
CA ILE B 635 25.24 -0.65 -0.85
C ILE B 635 25.95 -1.99 -1.05
N SER B 636 25.18 -3.07 -0.99
CA SER B 636 25.72 -4.42 -1.01
C SER B 636 24.69 -5.44 -1.49
N GLY B 637 25.04 -6.71 -1.39
CA GLY B 637 24.11 -7.80 -1.66
C GLY B 637 24.72 -9.11 -1.20
N GLN B 638 23.88 -10.08 -0.84
CA GLN B 638 24.37 -11.34 -0.29
C GLN B 638 23.80 -12.56 -1.03
N PHE B 639 24.66 -13.56 -1.25
CA PHE B 639 24.24 -14.84 -1.81
C PHE B 639 23.42 -14.65 -3.09
N LEU B 640 23.98 -13.86 -4.00
CA LEU B 640 23.28 -13.46 -5.22
C LEU B 640 23.39 -14.46 -6.36
N SER B 641 24.49 -15.20 -6.41
CA SER B 641 24.67 -16.26 -7.41
C SER B 641 25.39 -17.46 -6.81
N ASP B 642 25.24 -18.60 -7.47
CA ASP B 642 25.82 -19.87 -6.99
C ASP B 642 27.16 -20.22 -7.65
N ARG B 643 27.89 -19.20 -8.11
CA ARG B 643 29.22 -19.38 -8.69
C ARG B 643 29.94 -18.03 -8.75
N LYS B 644 31.25 -18.03 -8.48
CA LYS B 644 32.02 -16.79 -8.44
C LYS B 644 31.94 -16.02 -9.76
N VAL B 645 31.22 -14.91 -9.73
CA VAL B 645 31.05 -14.08 -10.91
C VAL B 645 30.82 -12.63 -10.47
N GLY B 646 31.18 -11.70 -11.34
CA GLY B 646 30.90 -10.28 -11.09
C GLY B 646 29.42 -10.03 -11.19
N ILE B 647 28.94 -9.06 -10.41
CA ILE B 647 27.52 -8.75 -10.36
C ILE B 647 27.33 -7.24 -10.42
N TYR B 648 26.35 -6.80 -11.22
CA TYR B 648 25.97 -5.40 -11.25
C TYR B 648 24.49 -5.27 -10.96
N VAL B 649 24.07 -4.06 -10.62
CA VAL B 649 22.71 -3.81 -10.18
C VAL B 649 22.15 -2.58 -10.88
N GLU B 650 20.98 -2.74 -11.50
CA GLU B 650 20.31 -1.63 -12.17
C GLU B 650 19.26 -1.01 -11.26
N VAL B 651 19.03 0.28 -11.46
CA VAL B 651 17.99 1.00 -10.74
C VAL B 651 17.21 1.86 -11.74
N ASP B 652 16.02 1.41 -12.09
CA ASP B 652 15.20 2.08 -13.09
C ASP B 652 13.91 2.56 -12.45
N MET B 653 13.30 3.58 -13.04
CA MET B 653 11.98 4.05 -12.62
C MET B 653 11.04 4.04 -13.81
N PHE B 654 9.77 3.74 -13.54
CA PHE B 654 8.75 3.68 -14.57
C PHE B 654 7.56 4.49 -14.11
N GLY B 655 7.15 5.48 -14.88
CA GLY B 655 6.00 6.31 -14.52
C GLY B 655 5.57 7.16 -15.70
N LEU B 656 5.27 8.43 -15.45
CA LEU B 656 5.11 9.38 -16.54
C LEU B 656 6.46 9.54 -17.25
N PRO B 657 6.45 9.89 -18.54
CA PRO B 657 7.71 9.99 -19.28
C PRO B 657 8.77 10.85 -18.58
N VAL B 658 8.34 11.92 -17.92
CA VAL B 658 9.26 12.75 -17.13
C VAL B 658 9.82 11.99 -15.92
N ASP B 659 9.01 11.12 -15.33
CA ASP B 659 9.45 10.29 -14.21
C ASP B 659 10.32 9.12 -14.69
N THR B 660 10.04 8.60 -15.89
CA THR B 660 10.70 7.40 -16.40
C THR B 660 12.18 7.62 -16.73
N ARG B 661 13.05 7.07 -15.89
CA ARG B 661 14.50 7.13 -16.10
C ARG B 661 15.10 5.76 -15.84
N ARG B 662 15.59 5.12 -16.90
CA ARG B 662 16.07 3.73 -16.81
C ARG B 662 17.42 3.54 -17.51
N LYS B 663 18.44 4.23 -17.02
CA LYS B 663 19.81 4.06 -17.51
C LYS B 663 20.85 3.84 -16.41
N TYR B 664 20.44 3.90 -15.14
CA TYR B 664 21.37 3.75 -14.03
C TYR B 664 21.86 2.32 -13.88
N ARG B 665 23.09 2.18 -13.35
CA ARG B 665 23.76 0.89 -13.26
C ARG B 665 25.00 1.01 -12.39
N THR B 666 25.19 0.06 -11.47
CA THR B 666 26.40 0.02 -10.65
C THR B 666 27.53 -0.58 -11.47
N ARG B 667 28.75 -0.40 -11.01
CA ARG B 667 29.89 -1.09 -11.61
C ARG B 667 29.83 -2.57 -11.24
N THR B 668 30.17 -3.43 -12.20
CA THR B 668 30.16 -4.87 -11.98
C THR B 668 31.21 -5.23 -10.92
N SER B 669 30.79 -5.98 -9.90
CA SER B 669 31.69 -6.41 -8.82
C SER B 669 32.84 -7.27 -9.32
N GLN B 670 33.89 -7.35 -8.51
CA GLN B 670 35.11 -8.08 -8.88
C GLN B 670 34.97 -9.57 -8.56
N GLY B 671 34.22 -10.29 -9.41
CA GLY B 671 34.10 -11.74 -9.30
C GLY B 671 33.66 -12.27 -7.95
N ASN B 672 32.92 -11.47 -7.19
CA ASN B 672 32.42 -11.86 -5.87
C ASN B 672 30.90 -11.93 -5.87
N SER B 673 30.36 -13.03 -5.34
CA SER B 673 28.91 -13.23 -5.25
C SER B 673 28.37 -13.39 -3.82
N PHE B 674 29.20 -13.82 -2.86
CA PHE B 674 28.78 -13.97 -1.46
C PHE B 674 28.37 -12.64 -0.84
N ASN B 675 29.26 -11.65 -0.92
CA ASN B 675 29.03 -10.38 -0.24
C ASN B 675 29.68 -9.20 -0.93
N PRO B 676 29.32 -8.97 -2.21
CA PRO B 676 29.81 -7.79 -2.93
C PRO B 676 29.38 -6.48 -2.24
N VAL B 677 30.26 -5.48 -2.25
CA VAL B 677 30.00 -4.18 -1.60
C VAL B 677 30.30 -3.03 -2.55
N TRP B 678 29.28 -2.49 -3.20
CA TRP B 678 29.46 -1.42 -4.18
C TRP B 678 29.72 -0.07 -3.51
N ASP B 679 30.94 0.45 -3.69
CA ASP B 679 31.28 1.81 -3.28
C ASP B 679 30.81 2.77 -4.39
N GLU B 680 29.51 3.05 -4.40
CA GLU B 680 28.85 3.68 -5.54
C GLU B 680 28.30 5.06 -5.20
N GLU B 681 28.17 5.90 -6.23
CA GLU B 681 27.50 7.19 -6.12
C GLU B 681 25.98 6.97 -6.07
N PRO B 682 25.26 7.80 -5.29
CA PRO B 682 23.80 7.60 -5.23
C PRO B 682 23.12 7.80 -6.57
N PHE B 683 22.13 6.98 -6.88
CA PHE B 683 21.31 7.17 -8.06
C PHE B 683 20.18 8.12 -7.68
N ASP B 684 20.17 9.31 -8.27
CA ASP B 684 19.15 10.31 -7.95
C ASP B 684 18.00 10.28 -8.95
N PHE B 685 16.81 10.60 -8.44
CA PHE B 685 15.62 10.82 -9.25
C PHE B 685 15.04 12.10 -8.66
N PRO B 686 15.61 13.25 -9.04
CA PRO B 686 15.37 14.51 -8.32
C PRO B 686 13.94 15.06 -8.38
N LYS B 687 13.17 14.65 -9.39
CA LYS B 687 11.81 15.14 -9.56
C LYS B 687 10.90 14.05 -10.11
N VAL B 688 10.17 13.42 -9.22
CA VAL B 688 9.11 12.50 -9.57
C VAL B 688 7.82 13.29 -9.56
N VAL B 689 7.33 13.64 -10.75
CA VAL B 689 6.18 14.52 -10.88
C VAL B 689 4.91 13.88 -10.29
N LEU B 690 4.64 12.62 -10.68
CA LEU B 690 3.45 11.89 -10.23
C LEU B 690 3.87 10.56 -9.58
N PRO B 691 4.23 10.60 -8.28
CA PRO B 691 4.79 9.43 -7.61
C PRO B 691 3.86 8.22 -7.48
N THR B 692 2.55 8.46 -7.41
CA THR B 692 1.59 7.35 -7.30
C THR B 692 1.66 6.47 -8.55
N LEU B 693 1.85 7.08 -9.70
CA LEU B 693 1.99 6.33 -10.94
C LEU B 693 3.40 5.73 -11.08
N ALA B 694 4.37 6.33 -10.38
CA ALA B 694 5.78 5.95 -10.50
C ALA B 694 6.15 4.66 -9.76
N SER B 695 7.00 3.85 -10.39
CA SER B 695 7.40 2.54 -9.87
C SER B 695 8.90 2.31 -10.05
N LEU B 696 9.61 2.17 -8.92
CA LEU B 696 11.04 1.89 -8.92
C LEU B 696 11.27 0.40 -9.15
N ARG B 697 12.28 0.07 -9.96
CA ARG B 697 12.63 -1.31 -10.28
C ARG B 697 14.10 -1.54 -9.99
N ILE B 698 14.40 -2.46 -9.07
CA ILE B 698 15.78 -2.78 -8.69
C ILE B 698 16.08 -4.21 -9.09
N ALA B 699 17.08 -4.39 -9.95
CA ALA B 699 17.41 -5.70 -10.51
C ALA B 699 18.92 -5.98 -10.50
N ALA B 700 19.28 -7.21 -10.13
CA ALA B 700 20.67 -7.65 -10.11
C ALA B 700 20.92 -8.56 -11.29
N PHE B 701 22.15 -8.50 -11.82
CA PHE B 701 22.55 -9.31 -12.97
C PHE B 701 23.96 -9.83 -12.77
N GLU B 702 24.26 -10.99 -13.36
CA GLU B 702 25.64 -11.50 -13.38
C GLU B 702 26.44 -10.76 -14.46
N GLU B 703 27.76 -10.79 -14.35
CA GLU B 703 28.64 -10.25 -15.38
C GLU B 703 28.43 -11.09 -16.63
N GLY B 704 28.01 -10.45 -17.72
CA GLY B 704 27.60 -11.16 -18.92
C GLY B 704 26.17 -10.82 -19.25
N GLY B 705 25.37 -10.60 -18.21
CA GLY B 705 23.99 -10.15 -18.37
C GLY B 705 22.92 -11.10 -17.88
N LYS B 706 23.32 -12.25 -17.31
CA LYS B 706 22.35 -13.25 -16.85
C LYS B 706 21.55 -12.71 -15.68
N PHE B 707 20.23 -12.94 -15.72
CA PHE B 707 19.32 -12.43 -14.72
C PHE B 707 19.48 -13.17 -13.38
N VAL B 708 19.59 -12.40 -12.30
CA VAL B 708 19.67 -12.94 -10.94
C VAL B 708 18.30 -12.81 -10.27
N GLY B 709 17.84 -11.58 -10.12
CA GLY B 709 16.59 -11.29 -9.43
C GLY B 709 16.22 -9.82 -9.49
N HIS B 710 14.94 -9.52 -9.35
CA HIS B 710 14.42 -8.15 -9.46
C HIS B 710 13.43 -7.81 -8.35
N ARG B 711 12.93 -6.59 -8.40
CA ARG B 711 11.91 -6.13 -7.47
C ARG B 711 11.25 -4.86 -8.02
N ILE B 712 9.92 -4.82 -7.96
CA ILE B 712 9.18 -3.60 -8.27
C ILE B 712 8.69 -3.02 -6.95
N LEU B 713 9.05 -1.76 -6.69
CA LEU B 713 8.64 -1.07 -5.47
C LEU B 713 7.86 0.18 -5.84
N PRO B 714 6.63 0.33 -5.33
CA PRO B 714 5.87 1.54 -5.60
C PRO B 714 6.50 2.73 -4.90
N VAL B 715 6.84 3.75 -5.68
CA VAL B 715 7.63 4.88 -5.19
C VAL B 715 6.90 5.63 -4.08
N SER B 716 5.59 5.79 -4.24
CA SER B 716 4.79 6.49 -3.24
C SER B 716 4.77 5.80 -1.88
N ALA B 717 5.10 4.51 -1.85
CA ALA B 717 5.09 3.73 -0.60
C ALA B 717 6.48 3.44 -0.01
N ILE B 718 7.50 3.46 -0.86
CA ILE B 718 8.84 3.01 -0.47
C ILE B 718 9.34 3.74 0.79
N ARG B 719 10.04 3.01 1.65
CA ARG B 719 10.53 3.57 2.91
C ARG B 719 11.91 4.18 2.73
N SER B 720 12.38 4.87 3.76
CA SER B 720 13.65 5.58 3.70
C SER B 720 14.65 4.95 4.65
N GLY B 721 15.93 5.15 4.37
CA GLY B 721 17.01 4.57 5.15
C GLY B 721 17.41 3.21 4.62
N TYR B 722 18.16 2.48 5.44
CA TYR B 722 18.72 1.19 5.06
C TYR B 722 17.70 0.06 5.20
N HIS B 723 17.44 -0.62 4.09
CA HIS B 723 16.55 -1.78 4.08
C HIS B 723 17.06 -2.85 3.12
N TYR B 724 16.90 -4.12 3.49
CA TYR B 724 17.18 -5.22 2.55
C TYR B 724 16.05 -5.28 1.54
N VAL B 725 16.40 -5.49 0.27
CA VAL B 725 15.40 -5.72 -0.77
C VAL B 725 15.51 -7.17 -1.21
N CYS B 726 14.73 -8.02 -0.57
CA CYS B 726 14.73 -9.44 -0.90
C CYS B 726 14.31 -9.57 -2.34
N LEU B 727 15.19 -10.14 -3.15
CA LEU B 727 14.97 -10.21 -4.58
C LEU B 727 13.95 -11.28 -4.92
N ARG B 728 13.45 -11.20 -6.14
CA ARG B 728 12.38 -12.05 -6.63
C ARG B 728 12.72 -12.50 -8.04
N ASN B 729 12.14 -13.60 -8.48
CA ASN B 729 12.34 -14.06 -9.86
C ASN B 729 11.47 -13.28 -10.84
N GLU B 730 11.59 -13.59 -12.13
CA GLU B 730 10.89 -12.85 -13.18
C GLU B 730 9.35 -12.91 -13.04
N ALA B 731 8.84 -14.01 -12.49
CA ALA B 731 7.40 -14.15 -12.20
C ALA B 731 7.03 -13.68 -10.79
N ASN B 732 7.90 -12.88 -10.18
CA ASN B 732 7.64 -12.25 -8.89
C ASN B 732 7.48 -13.23 -7.73
N GLN B 733 8.12 -14.40 -7.83
CA GLN B 733 8.18 -15.35 -6.73
C GLN B 733 9.37 -15.02 -5.85
N PRO B 734 9.19 -15.07 -4.52
CA PRO B 734 10.29 -14.72 -3.63
C PRO B 734 11.43 -15.74 -3.68
N LEU B 735 12.61 -15.25 -4.05
CA LEU B 735 13.83 -16.01 -3.94
C LEU B 735 14.26 -15.96 -2.48
N CYS B 736 15.11 -16.91 -2.09
CA CYS B 736 15.44 -17.07 -0.68
C CYS B 736 16.69 -16.30 -0.26
N LEU B 737 17.83 -16.67 -0.83
CA LEU B 737 19.12 -16.11 -0.39
C LEU B 737 19.55 -14.80 -1.09
N PRO B 738 19.31 -14.67 -2.41
CA PRO B 738 19.69 -13.41 -3.05
C PRO B 738 18.94 -12.21 -2.49
N ALA B 739 19.62 -11.37 -1.73
CA ALA B 739 19.05 -10.11 -1.26
C ALA B 739 20.06 -8.97 -1.38
N LEU B 740 19.55 -7.77 -1.63
CA LEU B 740 20.37 -6.56 -1.70
C LEU B 740 20.14 -5.70 -0.48
N LEU B 741 21.15 -4.93 -0.10
CA LEU B 741 20.98 -3.85 0.86
C LEU B 741 20.99 -2.54 0.07
N ILE B 742 20.05 -1.66 0.37
CA ILE B 742 19.99 -0.36 -0.27
C ILE B 742 19.77 0.74 0.77
N TYR B 743 20.07 1.98 0.37
CA TYR B 743 19.76 3.15 1.18
C TYR B 743 18.89 4.08 0.33
N THR B 744 17.62 4.21 0.71
CA THR B 744 16.69 5.09 0.01
C THR B 744 16.44 6.35 0.81
N GLU B 745 16.25 7.46 0.09
CA GLU B 745 15.70 8.69 0.65
C GLU B 745 14.56 9.08 -0.26
N ALA B 746 13.35 9.15 0.29
CA ALA B 746 12.16 9.47 -0.50
C ALA B 746 11.33 10.52 0.23
N SER B 747 11.67 11.79 0.02
CA SER B 747 10.95 12.91 0.62
C SER B 747 10.14 13.65 -0.44
N ASP B 748 9.33 14.59 0.01
CA ASP B 748 8.52 15.41 -0.89
C ASP B 748 9.40 16.44 -1.59
N TYR B 749 9.02 16.78 -2.83
CA TYR B 749 9.86 17.61 -3.69
C TYR B 749 9.88 19.07 -3.26
N ILE B 750 11.07 19.66 -3.26
CA ILE B 750 11.27 21.09 -3.01
C ILE B 750 12.13 21.63 -4.15
N PRO B 751 11.66 22.65 -4.87
CA PRO B 751 12.51 23.25 -5.91
C PRO B 751 13.75 23.95 -5.33
N ASP B 752 14.62 24.44 -6.21
CA ASP B 752 15.89 25.04 -5.79
C ASP B 752 15.70 26.38 -5.09
N ASP B 753 15.05 27.31 -5.78
CA ASP B 753 14.80 28.64 -5.23
C ASP B 753 13.93 28.61 -3.98
N HIS B 754 12.99 27.68 -3.92
CA HIS B 754 12.00 27.62 -2.83
C HIS B 754 12.42 26.72 -1.66
N GLN B 755 13.73 26.51 -1.52
CA GLN B 755 14.28 25.70 -0.42
C GLN B 755 14.19 26.47 0.90
N ASP B 756 14.57 27.74 0.89
CA ASP B 756 14.52 28.59 2.08
C ASP B 756 13.09 28.82 2.57
N TYR B 757 12.17 29.02 1.62
CA TYR B 757 10.76 29.22 1.95
C TYR B 757 10.16 28.01 2.65
N ALA B 758 10.50 26.82 2.16
CA ALA B 758 10.01 25.57 2.74
C ALA B 758 10.45 25.41 4.20
N GLU B 759 11.74 25.61 4.45
CA GLU B 759 12.29 25.51 5.81
C GLU B 759 11.50 26.35 6.82
N ALA B 760 11.00 27.51 6.39
CA ALA B 760 10.24 28.40 7.26
C ALA B 760 8.81 27.92 7.52
N LEU B 761 8.22 27.24 6.55
CA LEU B 761 6.90 26.63 6.75
C LEU B 761 6.99 25.48 7.76
N ILE B 762 8.05 24.67 7.64
CA ILE B 762 8.27 23.52 8.51
C ILE B 762 8.66 23.95 9.93
N ASN B 763 9.39 25.05 10.06
CA ASN B 763 9.80 25.55 11.37
C ASN B 763 9.81 27.09 11.44
N PRO B 764 8.61 27.70 11.47
CA PRO B 764 8.45 29.16 11.42
C PRO B 764 8.96 29.89 12.64
N ILE B 765 8.81 29.30 13.82
CA ILE B 765 9.28 29.94 15.05
C ILE B 765 10.74 30.38 14.92
N LYS B 766 11.58 29.55 14.31
CA LYS B 766 13.00 29.85 14.18
C LYS B 766 13.25 31.11 13.36
N HIS B 767 12.63 31.16 12.18
CA HIS B 767 12.75 32.29 11.27
C HIS B 767 12.22 33.59 11.90
N VAL B 768 10.96 33.56 12.34
CA VAL B 768 10.30 34.74 12.92
C VAL B 768 10.99 35.20 14.21
N SER B 769 11.52 34.24 14.97
CA SER B 769 12.23 34.56 16.22
C SER B 769 13.48 35.41 15.96
N LEU B 770 14.23 35.04 14.93
CA LEU B 770 15.42 35.81 14.54
C LEU B 770 15.04 37.21 14.07
N MET B 771 14.02 37.29 13.22
CA MET B 771 13.56 38.58 12.68
C MET B 771 13.13 39.55 13.78
N ASP B 772 12.40 39.03 14.77
CA ASP B 772 11.94 39.85 15.90
C ASP B 772 13.09 40.22 16.84
N GLN B 773 14.12 39.39 16.88
CA GLN B 773 15.34 39.68 17.65
C GLN B 773 16.15 40.79 16.99
N ARG B 774 16.38 40.65 15.68
CA ARG B 774 17.11 41.65 14.90
C ARG B 774 16.50 43.01 15.13
N ALA B 775 15.18 43.09 14.94
CA ALA B 775 14.43 44.32 15.13
C ALA B 775 14.53 44.85 16.56
N ARG B 776 14.49 43.95 17.54
CA ARG B 776 14.64 44.35 18.94
C ARG B 776 16.07 44.76 19.29
N GLN B 777 17.07 44.20 18.59
CA GLN B 777 18.46 44.65 18.75
C GLN B 777 18.66 46.06 18.20
N LEU B 778 17.88 46.43 17.19
CA LEU B 778 17.89 47.79 16.65
C LEU B 778 17.02 48.77 17.46
N ALA B 779 16.55 48.35 18.64
CA ALA B 779 15.67 49.16 19.46
C ALA B 779 16.28 50.52 19.78
N ALA B 780 17.35 50.52 20.57
CA ALA B 780 17.98 51.76 21.02
C ALA B 780 18.39 52.63 19.85
N LEU B 781 18.96 52.01 18.83
CA LEU B 781 19.57 52.71 17.70
C LEU B 781 18.58 53.53 16.87
N ILE B 782 17.33 53.05 16.76
CA ILE B 782 16.29 53.81 16.06
C ILE B 782 15.85 55.00 16.89
N GLY B 783 15.37 54.74 18.11
CA GLY B 783 14.97 55.79 19.04
C GLY B 783 13.63 56.45 18.70
N GLU B 784 13.67 57.78 18.52
CA GLU B 784 12.49 58.59 18.17
C GLU B 784 11.38 58.50 19.24
PB GDP C . -7.63 20.45 11.03
O1B GDP C . -7.07 21.85 11.11
O2B GDP C . -8.49 20.18 9.83
O3B GDP C . -6.60 19.38 11.34
O3A GDP C . -8.66 20.43 12.28
PA GDP C . -10.11 19.68 12.25
O1A GDP C . -11.03 20.41 11.31
O2A GDP C . -9.88 18.19 12.07
O5' GDP C . -10.63 19.93 13.75
C5' GDP C . -9.92 19.43 14.88
C4' GDP C . -10.90 19.06 16.00
O4' GDP C . -11.30 20.26 16.66
C3' GDP C . -12.15 18.37 15.49
O3' GDP C . -12.58 17.35 16.40
C2' GDP C . -13.17 19.49 15.41
O2' GDP C . -14.51 19.04 15.59
C1' GDP C . -12.71 20.41 16.54
N9 GDP C . -13.12 21.81 16.29
C8 GDP C . -12.93 22.54 15.17
N7 GDP C . -13.45 23.79 15.32
C5 GDP C . -13.97 23.86 16.56
C6 GDP C . -14.68 24.87 17.37
O6 GDP C . -14.91 26.01 16.91
N1 GDP C . -15.07 24.55 18.61
C2 GDP C . -14.84 23.33 19.15
N2 GDP C . -15.26 23.06 20.40
N3 GDP C . -14.20 22.35 18.45
C4 GDP C . -13.75 22.56 17.18
AL ALF D . -5.06 18.71 10.57
F1 ALF D . -6.03 17.22 10.86
F2 ALF D . -4.14 20.23 10.28
F3 ALF D . -5.85 18.90 8.96
F4 ALF D . -4.31 18.53 12.19
MG MG E . -7.71 18.39 8.86
CA CA F . -7.33 -12.83 -29.59
C1 I3P G . -6.85 -9.43 -32.48
C2 I3P G . -7.07 -9.41 -30.95
C3 I3P G . -8.11 -8.39 -30.51
C4 I3P G . -9.41 -8.54 -31.29
C5 I3P G . -9.17 -8.36 -32.78
C6 I3P G . -8.14 -9.36 -33.30
O1 I3P G . -6.17 -10.63 -32.86
O2 I3P G . -7.49 -10.71 -30.51
O3 I3P G . -8.35 -8.54 -29.11
O4 I3P G . -10.34 -7.56 -30.84
O5 I3P G . -10.39 -8.54 -33.48
O6 I3P G . -7.80 -9.02 -34.64
P1 I3P G . -4.72 -11.07 -32.28
O11 I3P G . -5.01 -11.67 -30.92
O12 I3P G . -3.92 -9.80 -32.25
O13 I3P G . -4.24 -12.09 -33.29
P4 I3P G . -11.31 -7.77 -29.57
O41 I3P G . -12.66 -7.34 -30.11
O42 I3P G . -10.74 -6.85 -28.52
O43 I3P G . -11.23 -9.24 -29.21
P5 I3P G . -11.25 -7.33 -34.13
O51 I3P G . -10.24 -6.46 -34.84
O52 I3P G . -12.21 -8.04 -35.07
O53 I3P G . -11.94 -6.66 -32.95
#